data_7SJY
#
_entry.id   7SJY
#
_cell.length_a   63.630
_cell.length_b   78.060
_cell.length_c   81.210
_cell.angle_alpha   90.000
_cell.angle_beta   112.970
_cell.angle_gamma   90.000
#
_symmetry.space_group_name_H-M   'P 1 21 1'
#
loop_
_entity.id
_entity.type
_entity.pdbx_description
1 polymer 'Anti-sigma-I factor RsgI9'
2 non-polymer GLYCEROL
3 water water
#
_entity_poly.entity_id   1
_entity_poly.type   'polypeptide(L)'
_entity_poly.pdbx_seq_one_letter_code
;GAVPELGSREIEILGESVVLVTAYDENRKVVSQGSGFAVGTGLFATNYHLVKDGVVVKITAGDGKVYDVDGIVKYDKAKD
LALLKTTVETGVNPLKLGTKKSLTKGSRIVAIGKANGAKNTVTKGSIKSLKVDGLTDAIELSASISKESTGGPVFDMKGN
VVGITAYGISKQNVNAVIPADYVADWVKELSKHSFGNIRIVRKTLVFDSDFEFNFVVYKIIRALENEDAATYFGCMTDEL
YKDETRKNLEVLFTTYDLAYNIESINVVSKSEEQAKVSYVYTINKEAGPNFKNYRIIGECSLIKVDGTWKINDSEEK
;
_entity_poly.pdbx_strand_id   A,B
#
loop_
_chem_comp.id
_chem_comp.type
_chem_comp.name
_chem_comp.formula
GOL non-polymer GLYCEROL 'C3 H8 O3'
#
# COMPACT_ATOMS: atom_id res chain seq x y z
N PRO A 4 -31.05 -14.49 -1.27
CA PRO A 4 -29.78 -14.64 -0.57
C PRO A 4 -29.26 -13.27 -0.16
N GLU A 5 -30.06 -12.53 0.64
CA GLU A 5 -29.72 -11.19 1.10
C GLU A 5 -29.82 -11.12 2.63
N LEU A 6 -28.80 -10.57 3.31
CA LEU A 6 -28.75 -10.45 4.78
C LEU A 6 -29.84 -9.52 5.34
N GLY A 7 -30.76 -10.07 6.10
CA GLY A 7 -31.91 -9.31 6.61
C GLY A 7 -31.59 -8.41 7.79
N SER A 8 -32.43 -7.40 8.03
CA SER A 8 -32.29 -6.47 9.15
C SER A 8 -32.21 -7.18 10.49
N ARG A 9 -33.00 -8.26 10.66
CA ARG A 9 -33.02 -9.01 11.91
C ARG A 9 -31.64 -9.59 12.21
N GLU A 10 -30.97 -10.12 11.17
CA GLU A 10 -29.66 -10.71 11.29
C GLU A 10 -28.61 -9.63 11.54
N ILE A 11 -28.72 -8.50 10.83
CA ILE A 11 -27.81 -7.37 11.02
C ILE A 11 -27.83 -6.86 12.46
N GLU A 12 -29.04 -6.76 13.08
CA GLU A 12 -29.18 -6.31 14.44
C GLU A 12 -28.49 -7.28 15.43
N ILE A 13 -28.63 -8.58 15.19
CA ILE A 13 -28.00 -9.59 16.05
C ILE A 13 -26.46 -9.53 15.91
N LEU A 14 -25.96 -9.45 14.68
CA LEU A 14 -24.51 -9.37 14.44
C LEU A 14 -23.91 -8.10 15.05
N GLY A 15 -24.67 -7.01 15.01
CA GLY A 15 -24.26 -5.73 15.55
C GLY A 15 -24.01 -5.77 17.05
N GLU A 16 -24.63 -6.72 17.76
CA GLU A 16 -24.40 -6.86 19.21
C GLU A 16 -22.95 -7.28 19.56
N SER A 17 -22.18 -7.76 18.56
CA SER A 17 -20.77 -8.13 18.74
C SER A 17 -19.81 -6.99 18.35
N VAL A 18 -20.33 -5.86 17.90
CA VAL A 18 -19.50 -4.73 17.50
C VAL A 18 -19.33 -3.80 18.69
N VAL A 19 -18.12 -3.34 18.92
CA VAL A 19 -17.82 -2.52 20.09
C VAL A 19 -17.14 -1.20 19.70
N LEU A 20 -17.12 -0.26 20.64
CA LEU A 20 -16.46 1.03 20.51
C LEU A 20 -15.06 0.85 21.09
N VAL A 21 -14.03 1.29 20.37
CA VAL A 21 -12.65 1.19 20.84
C VAL A 21 -12.15 2.62 21.11
N THR A 22 -11.80 2.95 22.36
CA THR A 22 -11.33 4.30 22.69
C THR A 22 -9.93 4.29 23.29
N ALA A 23 -9.01 5.07 22.71
CA ALA A 23 -7.65 5.14 23.23
C ALA A 23 -7.45 6.47 23.91
N TYR A 24 -6.81 6.45 25.08
CA TYR A 24 -6.53 7.61 25.90
C TYR A 24 -5.04 7.84 26.06
N ASP A 25 -4.64 9.09 26.26
CA ASP A 25 -3.25 9.39 26.59
C ASP A 25 -3.08 9.39 28.14
N GLU A 26 -1.88 9.72 28.65
CA GLU A 26 -1.62 9.72 30.09
C GLU A 26 -2.42 10.76 30.87
N ASN A 27 -3.01 11.76 30.18
CA ASN A 27 -3.82 12.78 30.86
C ASN A 27 -5.32 12.54 30.68
N ARG A 28 -5.74 11.29 30.36
CA ARG A 28 -7.14 10.90 30.17
C ARG A 28 -7.83 11.56 28.96
N LYS A 29 -7.05 12.06 28.00
CA LYS A 29 -7.62 12.67 26.80
C LYS A 29 -7.81 11.59 25.72
N VAL A 30 -8.91 11.64 24.97
CA VAL A 30 -9.15 10.69 23.89
C VAL A 30 -8.25 11.04 22.70
N VAL A 31 -7.35 10.11 22.32
CA VAL A 31 -6.47 10.34 21.17
C VAL A 31 -7.00 9.69 19.89
N SER A 32 -7.80 8.64 20.01
CA SER A 32 -8.40 7.96 18.86
C SER A 32 -9.63 7.18 19.29
N GLN A 33 -10.55 7.00 18.34
CA GLN A 33 -11.77 6.27 18.60
C GLN A 33 -12.28 5.67 17.31
N GLY A 34 -12.68 4.41 17.39
CA GLY A 34 -13.20 3.71 16.23
C GLY A 34 -13.99 2.50 16.65
N SER A 35 -14.10 1.55 15.75
CA SER A 35 -14.87 0.33 16.00
C SER A 35 -13.96 -0.89 16.15
N GLY A 36 -14.56 -1.97 16.60
CA GLY A 36 -13.94 -3.28 16.78
C GLY A 36 -15.03 -4.33 16.89
N PHE A 37 -14.64 -5.58 17.05
CA PHE A 37 -15.63 -6.66 17.16
C PHE A 37 -15.09 -7.89 17.90
N ALA A 38 -15.95 -8.56 18.65
CA ALA A 38 -15.53 -9.76 19.34
C ALA A 38 -15.29 -10.91 18.39
N VAL A 39 -14.14 -11.55 18.54
CA VAL A 39 -13.74 -12.77 17.82
C VAL A 39 -13.41 -13.93 18.81
N GLY A 40 -13.44 -13.62 20.11
CA GLY A 40 -13.27 -14.49 21.26
C GLY A 40 -13.93 -13.84 22.46
N THR A 41 -14.08 -14.58 23.55
CA THR A 41 -14.72 -14.05 24.77
C THR A 41 -14.04 -12.79 25.35
N GLY A 42 -12.73 -12.69 25.19
CA GLY A 42 -11.98 -11.53 25.63
C GLY A 42 -10.99 -11.04 24.58
N LEU A 43 -11.28 -11.33 23.28
CA LEU A 43 -10.45 -10.97 22.13
C LEU A 43 -11.29 -10.17 21.16
N PHE A 44 -10.79 -8.97 20.81
CA PHE A 44 -11.51 -8.07 19.92
C PHE A 44 -10.61 -7.64 18.78
N ALA A 45 -11.10 -7.76 17.54
CA ALA A 45 -10.33 -7.33 16.38
C ALA A 45 -10.64 -5.86 16.13
N THR A 46 -9.65 -5.09 15.65
CA THR A 46 -9.81 -3.64 15.36
C THR A 46 -8.66 -3.20 14.40
N ASN A 47 -8.51 -1.88 14.15
CA ASN A 47 -7.38 -1.38 13.38
C ASN A 47 -6.24 -1.09 14.35
N TYR A 48 -4.99 -1.25 13.88
CA TYR A 48 -3.82 -0.93 14.67
C TYR A 48 -3.74 0.57 14.93
N HIS A 49 -4.13 1.41 13.94
CA HIS A 49 -4.04 2.86 14.11
C HIS A 49 -4.91 3.39 15.23
N LEU A 50 -5.99 2.68 15.57
CA LEU A 50 -6.88 3.12 16.65
C LEU A 50 -6.29 2.92 18.04
N VAL A 51 -5.28 2.04 18.18
CA VAL A 51 -4.71 1.68 19.49
C VAL A 51 -3.21 1.92 19.60
N LYS A 52 -2.49 2.18 18.49
CA LYS A 52 -1.03 2.31 18.55
C LYS A 52 -0.51 3.41 19.49
N ASP A 53 -1.23 4.51 19.65
CA ASP A 53 -0.84 5.63 20.52
C ASP A 53 -1.66 5.68 21.84
N GLY A 54 -2.44 4.66 22.12
CA GLY A 54 -3.21 4.59 23.34
C GLY A 54 -2.39 4.10 24.50
N VAL A 55 -2.18 4.98 25.49
CA VAL A 55 -1.54 4.58 26.73
C VAL A 55 -2.51 3.64 27.47
N VAL A 56 -3.81 4.00 27.48
CA VAL A 56 -4.89 3.24 28.10
C VAL A 56 -5.97 3.03 27.02
N VAL A 57 -6.49 1.81 26.89
CA VAL A 57 -7.52 1.53 25.89
C VAL A 57 -8.72 0.93 26.58
N LYS A 58 -9.93 1.35 26.17
CA LYS A 58 -11.20 0.85 26.71
C LYS A 58 -12.14 0.40 25.57
N ILE A 59 -12.93 -0.63 25.83
CA ILE A 59 -13.90 -1.17 24.88
C ILE A 59 -15.32 -0.95 25.46
N THR A 60 -16.27 -0.44 24.67
CA THR A 60 -17.64 -0.26 25.14
C THR A 60 -18.55 -1.15 24.31
N ALA A 61 -19.30 -2.03 24.96
CA ALA A 61 -20.24 -2.91 24.25
C ALA A 61 -21.61 -2.18 24.02
N GLY A 62 -22.46 -2.74 23.16
CA GLY A 62 -23.77 -2.18 22.83
C GLY A 62 -24.68 -1.90 24.02
N ASP A 63 -24.45 -2.61 25.13
CA ASP A 63 -25.25 -2.40 26.34
C ASP A 63 -24.65 -1.35 27.30
N GLY A 64 -23.56 -0.70 26.92
CA GLY A 64 -22.93 0.32 27.75
C GLY A 64 -21.81 -0.19 28.63
N LYS A 65 -21.64 -1.51 28.75
CA LYS A 65 -20.58 -2.06 29.61
C LYS A 65 -19.20 -1.71 29.06
N VAL A 66 -18.34 -1.17 29.94
CA VAL A 66 -16.99 -0.76 29.54
C VAL A 66 -15.96 -1.75 30.07
N TYR A 67 -15.04 -2.16 29.21
CA TYR A 67 -14.02 -3.12 29.59
C TYR A 67 -12.63 -2.53 29.39
N ASP A 68 -11.72 -2.86 30.30
CA ASP A 68 -10.34 -2.41 30.17
C ASP A 68 -9.62 -3.34 29.22
N VAL A 69 -8.71 -2.80 28.43
CA VAL A 69 -7.89 -3.58 27.52
C VAL A 69 -6.57 -3.88 28.29
N ASP A 70 -6.15 -5.13 28.28
CA ASP A 70 -4.91 -5.65 28.91
C ASP A 70 -3.69 -5.35 27.99
N GLY A 71 -3.92 -5.42 26.70
CA GLY A 71 -2.91 -5.11 25.69
C GLY A 71 -3.28 -5.66 24.33
N ILE A 72 -2.36 -5.44 23.39
CA ILE A 72 -2.47 -5.95 22.04
C ILE A 72 -1.77 -7.32 22.02
N VAL A 73 -2.46 -8.36 21.54
CA VAL A 73 -1.89 -9.71 21.48
C VAL A 73 -1.33 -10.05 20.09
N LYS A 74 -1.84 -9.41 19.02
CA LYS A 74 -1.35 -9.57 17.64
C LYS A 74 -1.54 -8.25 16.93
N TYR A 75 -0.66 -7.95 15.97
CA TYR A 75 -0.83 -6.75 15.16
C TYR A 75 -0.08 -6.88 13.84
N ASP A 76 -0.52 -6.11 12.86
CA ASP A 76 0.10 -6.12 11.54
C ASP A 76 -0.02 -4.71 11.06
N LYS A 77 1.11 -3.97 11.00
CA LYS A 77 1.08 -2.57 10.58
C LYS A 77 0.69 -2.38 9.12
N ALA A 78 1.20 -3.21 8.21
CA ALA A 78 0.88 -3.09 6.78
C ALA A 78 -0.61 -3.31 6.52
N LYS A 79 -1.25 -4.19 7.29
CA LYS A 79 -2.68 -4.45 7.14
C LYS A 79 -3.57 -3.61 8.08
N ASP A 80 -2.97 -2.72 8.89
CA ASP A 80 -3.65 -1.89 9.87
C ASP A 80 -4.59 -2.73 10.73
N LEU A 81 -4.05 -3.83 11.25
CA LEU A 81 -4.87 -4.78 11.97
C LEU A 81 -4.35 -5.00 13.39
N ALA A 82 -5.27 -5.20 14.34
CA ALA A 82 -4.87 -5.46 15.72
C ALA A 82 -5.86 -6.37 16.43
N LEU A 83 -5.35 -7.16 17.38
CA LEU A 83 -6.19 -8.01 18.20
C LEU A 83 -5.94 -7.60 19.63
N LEU A 84 -7.00 -7.23 20.34
CA LEU A 84 -6.91 -6.75 21.71
C LEU A 84 -7.39 -7.81 22.67
N LYS A 85 -6.76 -7.91 23.84
CA LYS A 85 -7.24 -8.79 24.88
C LYS A 85 -7.75 -7.92 26.04
N THR A 86 -8.94 -8.19 26.56
CA THR A 86 -9.46 -7.44 27.70
C THR A 86 -8.88 -8.02 29.01
N THR A 87 -8.94 -7.26 30.13
CA THR A 87 -8.44 -7.74 31.41
C THR A 87 -9.29 -8.89 31.97
N VAL A 88 -10.57 -8.97 31.57
CA VAL A 88 -11.50 -10.03 31.95
C VAL A 88 -12.22 -10.56 30.69
N GLU A 89 -12.83 -11.76 30.81
CA GLU A 89 -13.65 -12.30 29.74
C GLU A 89 -15.00 -11.55 29.77
N THR A 90 -15.45 -11.12 28.62
CA THR A 90 -16.67 -10.32 28.51
C THR A 90 -17.91 -11.22 28.15
N GLY A 91 -19.10 -10.62 28.11
CA GLY A 91 -20.29 -11.32 27.68
C GLY A 91 -20.61 -11.05 26.21
N VAL A 92 -19.65 -10.49 25.45
CA VAL A 92 -19.87 -10.18 24.03
C VAL A 92 -19.66 -11.43 23.17
N ASN A 93 -20.67 -11.84 22.41
CA ASN A 93 -20.58 -13.05 21.59
C ASN A 93 -19.59 -12.92 20.45
N PRO A 94 -18.68 -13.88 20.30
CA PRO A 94 -17.72 -13.83 19.20
C PRO A 94 -18.42 -14.02 17.85
N LEU A 95 -17.92 -13.36 16.83
CA LEU A 95 -18.50 -13.47 15.48
C LEU A 95 -17.84 -14.58 14.68
N LYS A 96 -18.64 -15.25 13.83
CA LYS A 96 -18.13 -16.28 12.94
C LYS A 96 -17.40 -15.60 11.78
N LEU A 97 -16.20 -16.06 11.50
CA LEU A 97 -15.37 -15.51 10.44
C LEU A 97 -15.44 -16.37 9.18
N GLY A 98 -15.62 -15.71 8.04
CA GLY A 98 -15.59 -16.32 6.72
C GLY A 98 -14.24 -16.12 6.05
N THR A 99 -14.21 -16.10 4.71
CA THR A 99 -12.98 -15.98 3.95
C THR A 99 -13.14 -15.15 2.67
N LYS A 100 -12.06 -14.51 2.20
CA LYS A 100 -12.11 -13.76 0.95
C LYS A 100 -12.21 -14.71 -0.27
N LYS A 101 -11.89 -16.01 -0.12
CA LYS A 101 -11.98 -17.00 -1.20
C LYS A 101 -13.39 -17.19 -1.74
N SER A 102 -14.42 -16.86 -0.94
CA SER A 102 -15.81 -17.03 -1.37
C SER A 102 -16.35 -15.83 -2.15
N LEU A 103 -15.63 -14.71 -2.18
CA LEU A 103 -16.11 -13.48 -2.78
C LEU A 103 -16.06 -13.39 -4.28
N THR A 104 -17.08 -12.77 -4.87
CA THR A 104 -17.08 -12.49 -6.31
C THR A 104 -17.32 -10.98 -6.43
N LYS A 105 -16.87 -10.38 -7.53
CA LYS A 105 -17.07 -8.95 -7.76
C LYS A 105 -18.53 -8.73 -8.07
N GLY A 106 -19.10 -7.70 -7.46
CA GLY A 106 -20.52 -7.39 -7.61
C GLY A 106 -21.35 -7.94 -6.46
N SER A 107 -20.78 -8.83 -5.62
CA SER A 107 -21.51 -9.40 -4.50
C SER A 107 -21.68 -8.32 -3.41
N ARG A 108 -22.83 -8.36 -2.72
CA ARG A 108 -23.17 -7.38 -1.72
C ARG A 108 -22.51 -7.62 -0.37
N ILE A 109 -22.12 -6.54 0.30
CA ILE A 109 -21.57 -6.58 1.65
C ILE A 109 -22.34 -5.58 2.58
N VAL A 110 -22.22 -5.77 3.89
CA VAL A 110 -22.80 -4.91 4.94
C VAL A 110 -21.70 -4.68 5.99
N ALA A 111 -21.32 -3.43 6.25
CA ALA A 111 -20.36 -3.13 7.29
C ALA A 111 -21.11 -2.57 8.50
N ILE A 112 -20.68 -2.96 9.70
CA ILE A 112 -21.28 -2.45 10.93
C ILE A 112 -20.19 -1.75 11.74
N GLY A 113 -20.51 -0.56 12.21
CA GLY A 113 -19.63 0.23 13.04
C GLY A 113 -20.36 0.75 14.25
N LYS A 114 -19.64 1.13 15.29
CA LYS A 114 -20.24 1.67 16.50
C LYS A 114 -19.88 3.12 16.58
N ALA A 115 -20.89 3.99 16.62
CA ALA A 115 -20.70 5.41 16.85
C ALA A 115 -20.58 5.65 18.42
N ASN A 116 -20.29 6.88 18.84
CA ASN A 116 -20.16 7.22 20.25
C ASN A 116 -21.47 7.69 20.87
N ALA A 118 -22.22 4.15 21.76
CA ALA A 118 -22.19 2.71 21.47
C ALA A 118 -23.42 2.28 20.66
N LYS A 119 -23.92 3.14 19.78
CA LYS A 119 -25.02 2.79 18.88
C LYS A 119 -24.45 2.42 17.49
N ASN A 120 -25.13 1.57 16.73
CA ASN A 120 -24.61 1.08 15.46
C ASN A 120 -24.95 1.88 14.23
N THR A 121 -24.00 1.89 13.26
CA THR A 121 -24.14 2.42 11.91
C THR A 121 -23.98 1.22 10.96
N VAL A 122 -24.92 1.08 10.03
CA VAL A 122 -24.88 -0.02 9.07
C VAL A 122 -24.61 0.59 7.72
N THR A 123 -23.53 0.20 7.04
CA THR A 123 -23.18 0.73 5.73
C THR A 123 -23.32 -0.38 4.69
N LYS A 124 -23.98 -0.10 3.57
CA LYS A 124 -24.17 -1.10 2.51
C LYS A 124 -23.23 -0.80 1.35
N GLY A 125 -22.89 -1.85 0.62
CA GLY A 125 -22.02 -1.72 -0.54
C GLY A 125 -21.81 -3.02 -1.27
N SER A 126 -20.86 -3.03 -2.19
CA SER A 126 -20.56 -4.23 -2.96
C SER A 126 -19.08 -4.36 -3.27
N ILE A 127 -18.65 -5.57 -3.64
CA ILE A 127 -17.25 -5.84 -4.00
C ILE A 127 -16.93 -5.29 -5.41
N LYS A 128 -15.93 -4.40 -5.50
CA LYS A 128 -15.50 -3.85 -6.79
C LYS A 128 -14.39 -4.70 -7.38
N SER A 129 -13.43 -5.10 -6.54
CA SER A 129 -12.28 -5.86 -7.02
C SER A 129 -11.70 -6.75 -5.92
N LEU A 130 -11.09 -7.85 -6.33
CA LEU A 130 -10.49 -8.81 -5.39
C LEU A 130 -9.02 -8.51 -5.06
N LYS A 131 -8.52 -7.35 -5.47
CA LYS A 131 -7.17 -6.89 -5.15
C LYS A 131 -7.20 -5.37 -5.07
N VAL A 132 -6.13 -4.78 -4.52
CA VAL A 132 -5.97 -3.32 -4.45
C VAL A 132 -4.51 -3.10 -4.80
N ASP A 133 -4.20 -2.39 -5.90
CA ASP A 133 -2.81 -2.13 -6.27
C ASP A 133 -2.07 -1.37 -5.15
N GLY A 134 -0.93 -1.91 -4.72
CA GLY A 134 -0.17 -1.29 -3.63
C GLY A 134 -0.27 -2.04 -2.32
N LEU A 135 -1.33 -2.84 -2.15
CA LEU A 135 -1.52 -3.63 -0.95
C LEU A 135 -1.36 -5.10 -1.29
N THR A 136 -0.65 -5.85 -0.42
CA THR A 136 -0.35 -7.26 -0.64
C THR A 136 -1.61 -8.08 -0.82
N ASP A 137 -2.62 -7.83 0.03
CA ASP A 137 -3.87 -8.58 -0.09
C ASP A 137 -5.01 -7.79 0.50
N ALA A 138 -5.79 -7.12 -0.34
CA ALA A 138 -6.93 -6.33 0.14
C ALA A 138 -8.10 -6.42 -0.87
N ILE A 139 -9.31 -6.08 -0.45
CA ILE A 139 -10.49 -6.14 -1.29
C ILE A 139 -10.98 -4.72 -1.52
N GLU A 140 -11.33 -4.37 -2.78
CA GLU A 140 -11.83 -3.03 -3.04
C GLU A 140 -13.34 -3.01 -3.03
N LEU A 141 -13.95 -2.01 -2.38
CA LEU A 141 -15.38 -1.82 -2.33
C LEU A 141 -15.79 -0.71 -3.34
N SER A 142 -17.05 -0.71 -3.76
CA SER A 142 -17.54 0.27 -4.75
C SER A 142 -17.73 1.69 -4.19
N ALA A 143 -17.85 1.82 -2.86
CA ALA A 143 -18.11 3.12 -2.22
C ALA A 143 -17.47 3.18 -0.79
N SER A 144 -17.47 4.36 -0.15
CA SER A 144 -16.82 4.52 1.15
C SER A 144 -17.60 4.06 2.37
N ILE A 145 -16.86 3.65 3.39
CA ILE A 145 -17.40 3.35 4.70
C ILE A 145 -16.80 4.46 5.59
N SER A 146 -17.65 5.10 6.39
CA SER A 146 -17.27 6.22 7.23
C SER A 146 -16.14 5.91 8.20
N LYS A 147 -15.34 6.93 8.50
CA LYS A 147 -14.19 6.91 9.40
C LYS A 147 -14.54 6.29 10.78
N GLU A 148 -15.72 6.60 11.34
CA GLU A 148 -16.15 6.12 12.65
C GLU A 148 -16.36 4.61 12.70
N SER A 149 -16.72 4.00 11.55
CA SER A 149 -16.90 2.54 11.43
C SER A 149 -15.61 1.76 11.18
N THR A 150 -14.45 2.45 11.08
CA THR A 150 -13.18 1.76 10.85
C THR A 150 -12.86 0.80 11.97
N GLY A 151 -12.35 -0.36 11.63
CA GLY A 151 -12.03 -1.40 12.60
C GLY A 151 -13.17 -2.40 12.79
N GLY A 152 -14.33 -2.07 12.26
CA GLY A 152 -15.52 -2.91 12.36
C GLY A 152 -15.55 -4.01 11.31
N PRO A 153 -16.48 -4.95 11.46
CA PRO A 153 -16.56 -6.06 10.51
C PRO A 153 -17.35 -5.75 9.23
N VAL A 154 -16.99 -6.45 8.15
CA VAL A 154 -17.64 -6.38 6.84
C VAL A 154 -18.17 -7.79 6.63
N PHE A 155 -19.50 -7.93 6.45
CA PHE A 155 -20.19 -9.20 6.27
C PHE A 155 -20.63 -9.48 4.83
N ASP A 156 -20.66 -10.77 4.45
CA ASP A 156 -21.20 -11.16 3.16
C ASP A 156 -22.73 -11.37 3.35
N MET A 157 -23.46 -11.75 2.28
CA MET A 157 -24.91 -11.98 2.40
C MET A 157 -25.29 -13.21 3.27
N LYS A 158 -24.30 -14.02 3.67
CA LYS A 158 -24.50 -15.17 4.55
C LYS A 158 -24.35 -14.82 6.04
N GLY A 159 -23.86 -13.62 6.36
CA GLY A 159 -23.68 -13.20 7.74
C GLY A 159 -22.31 -13.50 8.30
N ASN A 160 -21.35 -13.92 7.44
CA ASN A 160 -19.99 -14.21 7.90
C ASN A 160 -19.10 -13.00 7.71
N VAL A 161 -18.14 -12.82 8.62
CA VAL A 161 -17.20 -11.71 8.53
C VAL A 161 -16.23 -12.04 7.43
N VAL A 162 -16.21 -11.28 6.35
CA VAL A 162 -15.27 -11.50 5.26
C VAL A 162 -14.16 -10.43 5.21
N GLY A 163 -14.34 -9.33 5.94
CA GLY A 163 -13.36 -8.27 5.96
C GLY A 163 -13.40 -7.39 7.19
N ILE A 164 -12.44 -6.48 7.28
CA ILE A 164 -12.33 -5.50 8.35
C ILE A 164 -12.12 -4.17 7.66
N THR A 165 -12.97 -3.20 7.99
CA THR A 165 -12.91 -1.86 7.44
C THR A 165 -11.61 -1.20 7.85
N ALA A 166 -10.96 -0.51 6.91
CA ALA A 166 -9.68 0.12 7.17
C ALA A 166 -9.60 1.47 6.50
N TYR A 167 -10.10 2.51 7.18
CA TYR A 167 -10.09 3.87 6.66
C TYR A 167 -8.65 4.35 6.38
N GLY A 168 -8.41 4.89 5.20
CA GLY A 168 -7.11 5.44 4.83
C GLY A 168 -5.98 4.44 4.64
N ILE A 169 -6.29 3.15 4.45
CA ILE A 169 -5.25 2.14 4.29
C ILE A 169 -4.55 2.17 2.92
N SER A 170 -5.21 2.69 1.90
CA SER A 170 -4.65 2.70 0.56
C SER A 170 -4.35 4.16 0.15
N LYS A 171 -4.37 4.46 -1.14
CA LYS A 171 -4.21 5.81 -1.62
C LYS A 171 -5.53 6.59 -1.30
N GLN A 172 -5.49 7.91 -1.42
CA GLN A 172 -6.65 8.76 -1.16
C GLN A 172 -7.84 8.39 -2.04
N ASN A 173 -9.05 8.31 -1.43
CA ASN A 173 -10.30 7.98 -2.10
C ASN A 173 -10.41 6.51 -2.57
N VAL A 174 -9.47 5.62 -2.15
CA VAL A 174 -9.59 4.20 -2.49
C VAL A 174 -10.24 3.48 -1.31
N ASN A 175 -11.32 2.74 -1.55
CA ASN A 175 -12.04 2.06 -0.48
C ASN A 175 -11.64 0.60 -0.40
N ALA A 176 -10.75 0.29 0.54
CA ALA A 176 -10.15 -1.03 0.68
C ALA A 176 -10.46 -1.65 2.05
N VAL A 177 -10.70 -2.95 2.07
CA VAL A 177 -10.90 -3.67 3.31
C VAL A 177 -9.88 -4.84 3.38
N ILE A 178 -9.53 -5.23 4.61
CA ILE A 178 -8.58 -6.31 4.84
C ILE A 178 -9.32 -7.61 5.00
N PRO A 179 -8.91 -8.68 4.32
CA PRO A 179 -9.61 -9.97 4.45
C PRO A 179 -9.62 -10.51 5.88
N ALA A 180 -10.76 -11.09 6.30
CA ALA A 180 -10.91 -11.69 7.62
C ALA A 180 -10.01 -12.89 7.86
N ASP A 181 -9.44 -13.49 6.78
CA ASP A 181 -8.56 -14.66 6.86
C ASP A 181 -7.40 -14.40 7.80
N TYR A 182 -6.88 -13.16 7.86
CA TYR A 182 -5.76 -12.82 8.73
C TYR A 182 -6.13 -12.86 10.20
N VAL A 183 -7.34 -12.42 10.52
CA VAL A 183 -7.84 -12.47 11.89
C VAL A 183 -8.19 -13.90 12.23
N ALA A 184 -8.77 -14.69 11.27
CA ALA A 184 -9.09 -16.10 11.49
C ALA A 184 -7.82 -16.90 11.84
N ASP A 185 -6.68 -16.60 11.17
CA ASP A 185 -5.43 -17.31 11.46
C ASP A 185 -4.97 -17.03 12.91
N TRP A 186 -5.07 -15.77 13.35
CA TRP A 186 -4.70 -15.37 14.72
C TRP A 186 -5.60 -16.07 15.74
N VAL A 187 -6.91 -16.09 15.48
CA VAL A 187 -7.89 -16.73 16.36
C VAL A 187 -7.63 -18.22 16.48
N LYS A 188 -7.30 -18.88 15.35
CA LYS A 188 -6.98 -20.30 15.33
C LYS A 188 -5.73 -20.58 16.17
N GLU A 189 -4.69 -19.76 16.04
CA GLU A 189 -3.47 -19.96 16.83
C GLU A 189 -3.76 -19.77 18.34
N LEU A 190 -4.48 -18.71 18.69
CA LEU A 190 -4.78 -18.40 20.08
C LEU A 190 -5.81 -19.33 20.73
N SER A 191 -6.60 -20.04 19.91
CA SER A 191 -7.62 -21.03 20.33
C SER A 191 -6.98 -22.17 21.15
N LYS A 192 -5.73 -22.49 20.88
CA LYS A 192 -4.99 -23.53 21.61
C LYS A 192 -4.56 -23.07 23.03
N HIS A 193 -4.77 -21.80 23.38
CA HIS A 193 -4.37 -21.28 24.67
C HIS A 193 -5.57 -20.88 25.49
N SER A 194 -5.49 -21.05 26.82
CA SER A 194 -6.57 -20.56 27.69
C SER A 194 -6.49 -19.04 27.76
N PHE A 195 -7.58 -18.37 28.21
CA PHE A 195 -7.62 -16.91 28.28
C PHE A 195 -6.46 -16.31 29.08
N GLY A 196 -6.25 -16.81 30.30
CA GLY A 196 -5.22 -16.35 31.20
C GLY A 196 -3.81 -16.60 30.69
N ASN A 197 -3.65 -17.53 29.72
CA ASN A 197 -2.37 -17.89 29.11
C ASN A 197 -2.04 -17.13 27.84
N ILE A 198 -2.97 -16.30 27.33
CA ILE A 198 -2.69 -15.50 26.14
C ILE A 198 -1.77 -14.34 26.52
N ARG A 199 -0.61 -14.28 25.84
CA ARG A 199 0.45 -13.31 26.07
C ARG A 199 0.30 -12.01 25.34
N ILE A 200 0.66 -10.92 26.03
CA ILE A 200 0.58 -9.56 25.47
C ILE A 200 1.82 -9.30 24.59
N VAL A 201 1.65 -8.64 23.44
CA VAL A 201 2.73 -8.28 22.52
C VAL A 201 3.03 -6.78 22.66
N ARG A 202 1.98 -5.91 22.81
CA ARG A 202 2.16 -4.47 23.03
C ARG A 202 1.23 -4.06 24.18
N LYS A 203 1.81 -3.87 25.35
CA LYS A 203 1.13 -3.57 26.62
C LYS A 203 0.47 -2.20 26.68
N THR A 204 -0.77 -2.18 27.14
CA THR A 204 -1.48 -0.95 27.40
C THR A 204 -1.71 -0.90 28.93
N LEU A 205 -1.77 0.30 29.50
CA LEU A 205 -1.92 0.44 30.94
C LEU A 205 -3.37 0.68 31.35
N VAL A 206 -3.64 0.67 32.65
CA VAL A 206 -4.92 1.04 33.20
C VAL A 206 -4.66 2.16 34.23
N PHE A 207 -5.63 3.05 34.43
CA PHE A 207 -5.49 4.13 35.40
C PHE A 207 -5.77 3.61 36.80
N ASP A 208 -4.84 2.82 37.35
CA ASP A 208 -4.93 2.27 38.71
C ASP A 208 -3.90 2.94 39.65
N SER A 209 -3.75 2.47 40.90
CA SER A 209 -2.81 3.07 41.85
C SER A 209 -1.31 2.89 41.47
N ASP A 210 -1.03 2.01 40.50
CA ASP A 210 0.35 1.79 40.03
C ASP A 210 0.67 2.62 38.77
N PHE A 211 -0.33 3.30 38.17
CA PHE A 211 -0.12 4.04 36.93
C PHE A 211 1.08 4.98 36.93
N GLU A 212 1.21 5.79 37.98
CA GLU A 212 2.31 6.76 38.08
C GLU A 212 3.69 6.16 37.88
N PHE A 213 3.92 4.94 38.36
CA PHE A 213 5.21 4.23 38.27
C PHE A 213 5.37 3.49 36.94
N ASN A 214 4.37 2.70 36.56
CA ASN A 214 4.38 1.97 35.29
C ASN A 214 4.53 2.91 34.09
N PHE A 215 3.92 4.10 34.17
CA PHE A 215 4.00 5.06 33.07
C PHE A 215 5.43 5.57 32.80
N VAL A 216 6.29 5.67 33.83
CA VAL A 216 7.67 6.14 33.61
C VAL A 216 8.41 5.16 32.68
N VAL A 217 8.23 3.86 32.94
CA VAL A 217 8.83 2.81 32.16
C VAL A 217 8.23 2.72 30.78
N TYR A 218 6.91 2.89 30.68
CA TYR A 218 6.19 2.90 29.40
C TYR A 218 6.73 4.07 28.53
N LYS A 219 6.88 5.26 29.15
CA LYS A 219 7.32 6.48 28.48
C LYS A 219 8.75 6.38 27.98
N ILE A 220 9.66 5.80 28.78
CA ILE A 220 11.06 5.71 28.40
C ILE A 220 11.28 4.73 27.24
N ILE A 221 10.48 3.64 27.19
CA ILE A 221 10.58 2.68 26.08
C ILE A 221 9.97 3.28 24.80
N ARG A 222 8.83 3.98 24.94
CA ARG A 222 8.15 4.67 23.86
C ARG A 222 9.07 5.76 23.27
N ALA A 223 9.92 6.40 24.11
CA ALA A 223 10.83 7.43 23.62
C ALA A 223 11.91 6.81 22.72
N LEU A 224 12.46 5.62 23.10
CA LEU A 224 13.41 4.91 22.26
C LEU A 224 12.74 4.54 20.92
N GLU A 225 11.47 4.10 20.96
CA GLU A 225 10.71 3.73 19.77
C GLU A 225 10.49 4.93 18.84
N ASN A 226 10.21 6.11 19.41
CA ASN A 226 9.99 7.35 18.68
C ASN A 226 11.29 8.09 18.35
N GLU A 227 12.48 7.52 18.63
CA GLU A 227 13.77 8.15 18.34
C GLU A 227 13.87 9.53 19.02
N ASP A 228 13.40 9.59 20.27
CA ASP A 228 13.33 10.83 21.02
C ASP A 228 14.23 10.76 22.26
N ALA A 229 15.49 11.18 22.11
CA ALA A 229 16.46 11.14 23.19
C ALA A 229 16.15 12.15 24.30
N ALA A 230 15.51 13.29 23.96
CA ALA A 230 15.17 14.30 24.97
C ALA A 230 14.18 13.72 26.01
N THR A 231 13.14 13.03 25.54
CA THR A 231 12.18 12.38 26.44
C THR A 231 12.82 11.20 27.17
N TYR A 232 13.68 10.44 26.45
CA TYR A 232 14.39 9.31 27.05
C TYR A 232 15.24 9.77 28.27
N PHE A 233 16.08 10.80 28.11
CA PHE A 233 16.90 11.30 29.22
C PHE A 233 16.07 12.03 30.30
N GLY A 234 14.93 12.59 29.92
CA GLY A 234 14.02 13.25 30.86
C GLY A 234 13.34 12.29 31.83
N CYS A 235 13.27 11.00 31.46
CA CYS A 235 12.73 9.92 32.30
C CYS A 235 13.74 9.42 33.35
N MET A 236 15.00 9.82 33.25
CA MET A 236 16.02 9.42 34.20
C MET A 236 16.59 10.63 34.93
N THR A 237 17.23 10.38 36.08
CA THR A 237 17.88 11.44 36.83
C THR A 237 19.08 11.97 36.02
N ASP A 238 19.46 13.23 36.27
CA ASP A 238 20.58 13.88 35.58
C ASP A 238 21.87 13.07 35.64
N GLU A 239 22.07 12.38 36.77
CA GLU A 239 23.19 11.49 37.07
C GLU A 239 23.30 10.34 36.05
N LEU A 240 22.16 9.82 35.58
CA LEU A 240 22.17 8.72 34.63
C LEU A 240 22.52 9.10 33.20
N TYR A 241 22.46 10.41 32.87
CA TYR A 241 22.81 10.84 31.51
C TYR A 241 24.30 10.58 31.26
N LYS A 242 24.64 10.05 30.09
CA LYS A 242 26.04 9.88 29.69
C LYS A 242 26.15 10.25 28.22
N ASP A 243 27.24 10.93 27.83
CA ASP A 243 27.47 11.31 26.44
C ASP A 243 27.54 10.07 25.55
N GLU A 244 28.13 8.98 26.06
CA GLU A 244 28.26 7.71 25.36
C GLU A 244 26.89 7.15 25.00
N THR A 245 25.93 7.22 25.93
CA THR A 245 24.56 6.76 25.68
C THR A 245 23.92 7.58 24.55
N ARG A 246 24.04 8.93 24.63
CA ARG A 246 23.50 9.84 23.64
C ARG A 246 24.05 9.52 22.24
N LYS A 247 25.37 9.26 22.15
CA LYS A 247 26.01 8.90 20.89
C LYS A 247 25.51 7.55 20.38
N ASN A 248 25.36 6.54 21.25
CA ASN A 248 24.85 5.22 20.86
C ASN A 248 23.42 5.35 20.32
N LEU A 249 22.60 6.20 20.96
CA LEU A 249 21.23 6.42 20.51
C LEU A 249 21.20 7.03 19.11
N GLU A 250 22.09 8.00 18.82
CA GLU A 250 22.15 8.63 17.49
C GLU A 250 22.38 7.59 16.39
N VAL A 251 23.32 6.65 16.62
CA VAL A 251 23.65 5.59 15.68
C VAL A 251 22.47 4.63 15.47
N LEU A 252 21.81 4.26 16.57
CA LEU A 252 20.66 3.36 16.55
C LEU A 252 19.47 3.97 15.78
N PHE A 253 19.16 5.24 16.05
CA PHE A 253 18.05 5.96 15.45
C PHE A 253 18.25 6.20 13.96
N THR A 254 19.50 6.42 13.51
CA THR A 254 19.76 6.69 12.10
C THR A 254 19.98 5.41 11.29
N THR A 255 20.43 4.32 11.93
CA THR A 255 20.75 3.10 11.20
C THR A 255 19.54 2.19 10.98
N TYR A 256 18.63 2.13 11.94
CA TYR A 256 17.51 1.19 11.88
C TYR A 256 16.15 1.84 12.10
N ASP A 257 15.08 1.12 11.72
CA ASP A 257 13.69 1.43 12.06
C ASP A 257 13.36 0.26 12.99
N LEU A 258 13.07 0.55 14.27
CA LEU A 258 12.85 -0.51 15.25
C LEU A 258 11.49 -0.43 15.93
N ALA A 259 10.86 -1.59 16.19
CA ALA A 259 9.63 -1.67 16.98
C ALA A 259 9.99 -2.18 18.39
N TYR A 260 9.47 -1.53 19.43
CA TYR A 260 9.72 -1.92 20.82
C TYR A 260 8.42 -2.48 21.34
N ASN A 261 8.27 -3.81 21.27
CA ASN A 261 7.05 -4.50 21.70
C ASN A 261 7.07 -4.84 23.19
N ILE A 262 6.32 -4.08 24.00
CA ILE A 262 6.26 -4.28 25.45
C ILE A 262 5.36 -5.43 25.88
N GLU A 263 5.91 -6.45 26.54
CA GLU A 263 5.10 -7.59 27.01
C GLU A 263 4.48 -7.29 28.40
N SER A 264 5.23 -6.65 29.29
CA SER A 264 4.76 -6.41 30.64
C SER A 264 5.46 -5.27 31.34
N ILE A 265 4.72 -4.57 32.21
CA ILE A 265 5.23 -3.51 33.07
C ILE A 265 4.51 -3.68 34.40
N ASN A 266 5.26 -3.95 35.49
CA ASN A 266 4.65 -4.19 36.80
C ASN A 266 5.41 -3.56 37.92
N VAL A 267 4.70 -3.00 38.92
CA VAL A 267 5.34 -2.46 40.10
C VAL A 267 5.77 -3.66 40.99
N VAL A 268 7.04 -3.70 41.36
CA VAL A 268 7.59 -4.72 42.25
C VAL A 268 7.40 -4.24 43.70
N SER A 269 7.77 -2.99 43.98
CA SER A 269 7.63 -2.40 45.31
C SER A 269 7.43 -0.88 45.21
N LYS A 270 6.75 -0.27 46.20
CA LYS A 270 6.50 1.18 46.17
C LYS A 270 6.33 1.84 47.55
N SER A 271 6.65 3.14 47.62
CA SER A 271 6.53 3.99 48.79
C SER A 271 6.33 5.48 48.34
N GLU A 272 6.39 6.47 49.27
CA GLU A 272 6.16 7.87 48.88
C GLU A 272 7.32 8.49 48.06
N GLU A 273 8.57 8.04 48.28
CA GLU A 273 9.70 8.60 47.52
C GLU A 273 10.56 7.56 46.81
N GLN A 274 10.16 6.28 46.79
CA GLN A 274 10.98 5.23 46.18
C GLN A 274 10.11 4.10 45.61
N ALA A 275 10.50 3.50 44.47
CA ALA A 275 9.77 2.39 43.86
C ALA A 275 10.67 1.51 42.96
N LYS A 276 10.24 0.27 42.65
CA LYS A 276 10.95 -0.67 41.75
C LYS A 276 9.91 -1.18 40.74
N VAL A 277 10.24 -1.14 39.45
CA VAL A 277 9.30 -1.56 38.41
C VAL A 277 10.01 -2.56 37.51
N SER A 278 9.39 -3.73 37.30
CA SER A 278 9.94 -4.71 36.37
C SER A 278 9.28 -4.54 34.99
N TYR A 279 10.00 -4.94 33.95
CA TYR A 279 9.50 -4.83 32.59
C TYR A 279 10.13 -5.87 31.67
N VAL A 280 9.40 -6.20 30.59
CA VAL A 280 9.85 -7.12 29.53
C VAL A 280 9.45 -6.50 28.21
N TYR A 281 10.39 -6.34 27.27
CA TYR A 281 10.08 -5.86 25.92
C TYR A 281 11.03 -6.48 24.88
N THR A 282 10.63 -6.50 23.62
CA THR A 282 11.48 -7.02 22.55
C THR A 282 11.79 -5.89 21.59
N ILE A 283 12.97 -5.95 20.96
CA ILE A 283 13.32 -4.99 19.93
C ILE A 283 13.35 -5.75 18.61
N ASN A 284 12.45 -5.36 17.67
CA ASN A 284 12.32 -6.01 16.37
C ASN A 284 12.69 -5.05 15.24
N LYS A 285 13.61 -5.45 14.36
CA LYS A 285 14.01 -4.60 13.26
C LYS A 285 13.01 -4.64 12.12
N GLU A 286 12.51 -3.46 11.72
CA GLU A 286 11.58 -3.31 10.62
C GLU A 286 12.32 -2.97 9.32
N ALA A 287 13.41 -2.20 9.41
CA ALA A 287 14.22 -1.85 8.23
C ALA A 287 15.64 -1.48 8.64
N GLY A 288 16.58 -1.59 7.70
CA GLY A 288 17.98 -1.29 7.96
C GLY A 288 18.85 -2.52 7.79
N PRO A 289 20.16 -2.40 8.08
CA PRO A 289 21.05 -3.56 7.92
C PRO A 289 20.81 -4.65 8.96
N ASN A 290 21.66 -5.70 9.00
CA ASN A 290 21.49 -6.81 9.92
C ASN A 290 21.35 -6.37 11.37
N PHE A 291 20.39 -6.96 12.06
CA PHE A 291 20.12 -6.71 13.45
C PHE A 291 19.59 -8.00 14.01
N LYS A 292 20.11 -8.42 15.16
CA LYS A 292 19.59 -9.60 15.84
C LYS A 292 18.47 -9.12 16.76
N ASN A 293 17.18 -9.45 16.46
CA ASN A 293 16.06 -9.09 17.33
C ASN A 293 16.27 -9.74 18.69
N TYR A 294 15.95 -9.03 19.79
CA TYR A 294 16.18 -9.59 21.13
C TYR A 294 15.19 -9.11 22.18
N ARG A 295 15.11 -9.85 23.29
CA ARG A 295 14.24 -9.57 24.42
C ARG A 295 15.04 -8.98 25.57
N ILE A 296 14.47 -7.98 26.23
CA ILE A 296 15.07 -7.35 27.38
C ILE A 296 14.17 -7.65 28.56
N ILE A 297 14.73 -8.25 29.62
CA ILE A 297 14.00 -8.54 30.86
C ILE A 297 14.71 -7.68 31.88
N GLY A 298 14.04 -6.66 32.40
CA GLY A 298 14.68 -5.74 33.32
C GLY A 298 13.89 -5.33 34.54
N GLU A 299 14.56 -4.55 35.38
CA GLU A 299 13.98 -3.97 36.57
C GLU A 299 14.70 -2.65 36.78
N CYS A 300 13.94 -1.62 37.13
CA CYS A 300 14.54 -0.32 37.39
C CYS A 300 14.07 0.24 38.72
N SER A 301 14.90 1.11 39.27
CA SER A 301 14.61 1.82 40.50
C SER A 301 14.14 3.23 40.12
N LEU A 302 13.11 3.72 40.79
CA LEU A 302 12.56 5.04 40.58
C LEU A 302 12.63 5.84 41.87
N ILE A 303 12.86 7.15 41.77
CA ILE A 303 12.85 8.06 42.92
C ILE A 303 12.06 9.33 42.57
N LYS A 304 11.42 9.95 43.57
CA LYS A 304 10.65 11.17 43.34
C LYS A 304 11.55 12.39 43.47
N VAL A 305 11.80 13.09 42.35
CA VAL A 305 12.64 14.29 42.37
C VAL A 305 11.76 15.49 42.04
N ASP A 306 11.55 16.40 43.01
CA ASP A 306 10.72 17.59 42.81
C ASP A 306 9.32 17.24 42.29
N GLY A 307 8.76 16.16 42.84
CA GLY A 307 7.42 15.68 42.49
C GLY A 307 7.35 14.72 41.34
N THR A 308 8.27 14.83 40.38
CA THR A 308 8.27 13.97 39.20
C THR A 308 9.07 12.69 39.46
N TRP A 309 8.53 11.53 39.09
CA TRP A 309 9.24 10.27 39.25
C TRP A 309 10.28 10.11 38.15
N LYS A 310 11.46 9.62 38.51
CA LYS A 310 12.54 9.43 37.55
C LYS A 310 13.28 8.13 37.85
N ILE A 311 13.80 7.48 36.81
CA ILE A 311 14.58 6.26 36.97
C ILE A 311 16.00 6.63 37.38
N ASN A 312 16.50 6.08 38.50
CA ASN A 312 17.86 6.38 38.95
C ASN A 312 18.83 5.19 38.83
N ASP A 313 18.34 4.03 38.40
CA ASP A 313 19.13 2.81 38.22
C ASP A 313 18.30 1.78 37.47
N SER A 314 18.97 0.84 36.80
CA SER A 314 18.31 -0.23 36.08
C SER A 314 19.24 -1.43 35.93
N GLU A 315 18.66 -2.60 35.73
CA GLU A 315 19.42 -3.83 35.53
C GLU A 315 18.68 -4.65 34.48
N GLU A 316 19.34 -4.97 33.35
CA GLU A 316 18.70 -5.69 32.26
C GLU A 316 19.43 -6.94 31.79
N LYS A 317 18.66 -7.97 31.42
CA LYS A 317 19.15 -9.25 30.95
C LYS A 317 18.29 -9.80 29.80
N GLU B 5 28.34 17.29 -0.78
CA GLU B 5 27.03 17.47 -1.43
C GLU B 5 27.15 17.41 -2.95
N LEU B 6 26.12 16.89 -3.63
CA LEU B 6 26.07 16.82 -5.10
C LEU B 6 25.94 18.22 -5.67
N GLY B 7 26.95 18.66 -6.42
CA GLY B 7 26.98 20.01 -6.96
C GLY B 7 26.01 20.32 -8.07
N SER B 8 25.83 21.62 -8.36
CA SER B 8 24.93 22.09 -9.40
C SER B 8 25.35 21.65 -10.79
N ARG B 9 26.67 21.65 -11.07
CA ARG B 9 27.22 21.25 -12.36
C ARG B 9 26.83 19.79 -12.67
N GLU B 10 26.96 18.92 -11.66
CA GLU B 10 26.63 17.50 -11.80
C GLU B 10 25.13 17.30 -11.94
N ILE B 11 24.33 18.05 -11.15
CA ILE B 11 22.87 17.99 -11.23
C ILE B 11 22.37 18.39 -12.65
N GLU B 12 22.98 19.41 -13.26
CA GLU B 12 22.62 19.84 -14.61
C GLU B 12 22.93 18.76 -15.65
N ILE B 13 24.05 18.07 -15.51
CA ILE B 13 24.42 16.98 -16.42
C ILE B 13 23.45 15.80 -16.28
N LEU B 14 23.17 15.41 -15.04
CA LEU B 14 22.23 14.29 -14.79
C LEU B 14 20.80 14.63 -15.30
N GLY B 15 20.42 15.90 -15.18
CA GLY B 15 19.13 16.39 -15.62
C GLY B 15 18.92 16.28 -17.12
N GLU B 16 20.01 16.21 -17.92
CA GLU B 16 19.89 16.01 -19.38
C GLU B 16 19.31 14.62 -19.74
N SER B 17 19.28 13.69 -18.79
CA SER B 17 18.70 12.35 -19.00
C SER B 17 17.22 12.29 -18.53
N VAL B 18 16.68 13.38 -17.98
CA VAL B 18 15.30 13.44 -17.48
C VAL B 18 14.40 13.91 -18.62
N VAL B 19 13.28 13.21 -18.85
CA VAL B 19 12.40 13.51 -19.97
C VAL B 19 10.97 13.79 -19.49
N LEU B 20 10.15 14.37 -20.39
CA LEU B 20 8.74 14.63 -20.18
C LEU B 20 8.00 13.42 -20.76
N VAL B 21 7.06 12.85 -20.00
CA VAL B 21 6.28 11.71 -20.46
C VAL B 21 4.82 12.20 -20.64
N THR B 22 4.28 12.18 -21.88
CA THR B 22 2.91 12.66 -22.14
C THR B 22 2.04 11.55 -22.73
N ALA B 23 0.88 11.28 -22.11
CA ALA B 23 -0.03 10.26 -22.61
C ALA B 23 -1.26 10.94 -23.20
N TYR B 24 -1.69 10.47 -24.36
CA TYR B 24 -2.83 10.98 -25.12
C TYR B 24 -3.93 9.93 -25.26
N ASP B 25 -5.17 10.37 -25.38
CA ASP B 25 -6.28 9.47 -25.68
C ASP B 25 -6.46 9.37 -27.24
N GLU B 26 -7.47 8.65 -27.74
CA GLU B 26 -7.70 8.50 -29.18
C GLU B 26 -8.08 9.81 -29.88
N ASN B 27 -8.51 10.84 -29.13
CA ASN B 27 -8.87 12.13 -29.72
C ASN B 27 -7.76 13.18 -29.55
N ARG B 28 -6.49 12.75 -29.32
CA ARG B 28 -5.32 13.62 -29.16
C ARG B 28 -5.35 14.50 -27.91
N LYS B 29 -6.18 14.16 -26.91
CA LYS B 29 -6.22 14.92 -25.66
C LYS B 29 -5.19 14.38 -24.66
N VAL B 30 -4.50 15.26 -23.93
CA VAL B 30 -3.54 14.85 -22.92
C VAL B 30 -4.29 14.31 -21.70
N VAL B 31 -4.08 13.03 -21.36
CA VAL B 31 -4.74 12.43 -20.20
C VAL B 31 -3.83 12.40 -18.97
N SER B 32 -2.52 12.40 -19.16
CA SER B 32 -1.54 12.44 -18.07
C SER B 32 -0.21 12.93 -18.54
N GLN B 33 0.55 13.52 -17.61
CA GLN B 33 1.86 14.06 -17.92
C GLN B 33 2.71 14.07 -16.66
N GLY B 34 3.94 13.63 -16.81
CA GLY B 34 4.87 13.61 -15.70
C GLY B 34 6.30 13.49 -16.20
N SER B 35 7.16 12.95 -15.35
CA SER B 35 8.56 12.82 -15.66
C SER B 35 8.96 11.37 -15.91
N GLY B 36 10.16 11.21 -16.41
CA GLY B 36 10.80 9.93 -16.67
C GLY B 36 12.28 10.14 -16.86
N PHE B 37 13.02 9.05 -17.12
CA PHE B 37 14.46 9.18 -17.31
C PHE B 37 15.07 8.02 -18.11
N ALA B 38 16.08 8.31 -18.93
CA ALA B 38 16.74 7.27 -19.72
C ALA B 38 17.55 6.34 -18.83
N VAL B 39 17.33 5.04 -18.99
CA VAL B 39 18.09 3.95 -18.36
C VAL B 39 18.74 3.00 -19.42
N GLY B 40 18.46 3.28 -20.69
CA GLY B 40 18.96 2.64 -21.90
C GLY B 40 18.79 3.61 -23.07
N THR B 41 19.40 3.31 -24.21
CA THR B 41 19.32 4.18 -25.40
C THR B 41 17.89 4.44 -25.90
N GLY B 42 17.02 3.47 -25.72
CA GLY B 42 15.62 3.59 -26.09
C GLY B 42 14.70 3.09 -25.00
N LEU B 43 15.17 3.08 -23.73
CA LEU B 43 14.44 2.62 -22.54
C LEU B 43 14.37 3.75 -21.53
N PHE B 44 13.16 4.07 -21.09
CA PHE B 44 12.92 5.18 -20.16
C PHE B 44 12.09 4.70 -18.98
N ALA B 45 12.55 4.96 -17.75
CA ALA B 45 11.80 4.56 -16.56
C ALA B 45 10.83 5.69 -16.21
N THR B 46 9.64 5.36 -15.69
CA THR B 46 8.63 6.37 -15.28
C THR B 46 7.63 5.70 -14.30
N ASN B 47 6.52 6.38 -13.94
CA ASN B 47 5.48 5.76 -13.15
C ASN B 47 4.49 5.06 -14.10
N TYR B 48 3.89 3.96 -13.65
CA TYR B 48 2.88 3.24 -14.42
C TYR B 48 1.63 4.11 -14.59
N HIS B 49 1.26 4.90 -13.56
CA HIS B 49 0.05 5.73 -13.62
C HIS B 49 0.11 6.79 -14.71
N LEU B 50 1.31 7.21 -15.10
CA LEU B 50 1.45 8.24 -16.15
C LEU B 50 1.18 7.68 -17.56
N VAL B 51 1.25 6.35 -17.74
CA VAL B 51 1.11 5.75 -19.07
C VAL B 51 0.00 4.70 -19.17
N LYS B 52 -0.60 4.26 -18.03
CA LYS B 52 -1.59 3.18 -18.08
C LYS B 52 -2.82 3.45 -18.96
N ASP B 53 -3.26 4.71 -19.06
CA ASP B 53 -4.42 5.11 -19.86
C ASP B 53 -4.03 5.81 -21.18
N GLY B 54 -2.74 5.81 -21.53
CA GLY B 54 -2.28 6.41 -22.75
C GLY B 54 -2.47 5.51 -23.95
N VAL B 55 -3.35 5.92 -24.88
CA VAL B 55 -3.49 5.21 -26.15
C VAL B 55 -2.18 5.46 -26.95
N VAL B 56 -1.66 6.70 -26.90
CA VAL B 56 -0.45 7.12 -27.58
C VAL B 56 0.41 7.80 -26.53
N VAL B 57 1.71 7.45 -26.46
CA VAL B 57 2.60 8.06 -25.50
C VAL B 57 3.78 8.68 -26.23
N LYS B 58 4.20 9.88 -25.80
CA LYS B 58 5.35 10.58 -26.37
C LYS B 58 6.33 11.02 -25.28
N ILE B 59 7.63 11.01 -25.60
CA ILE B 59 8.69 11.42 -24.70
C ILE B 59 9.35 12.67 -25.25
N THR B 60 9.57 13.70 -24.42
CA THR B 60 10.26 14.92 -24.88
C THR B 60 11.57 15.04 -24.11
N ALA B 61 12.67 15.12 -24.83
CA ALA B 61 13.99 15.27 -24.18
C ALA B 61 14.29 16.76 -23.89
N GLY B 62 15.31 17.04 -23.07
CA GLY B 62 15.68 18.40 -22.69
C GLY B 62 15.98 19.33 -23.85
N ASP B 63 16.34 18.76 -25.01
CA ASP B 63 16.62 19.57 -26.19
C ASP B 63 15.39 19.82 -27.09
N GLY B 64 14.22 19.35 -26.67
CA GLY B 64 12.99 19.53 -27.42
C GLY B 64 12.62 18.39 -28.34
N LYS B 65 13.54 17.44 -28.57
CA LYS B 65 13.27 16.31 -29.45
C LYS B 65 12.15 15.44 -28.90
N VAL B 66 11.16 15.12 -29.72
CA VAL B 66 10.02 14.30 -29.31
C VAL B 66 10.14 12.90 -29.90
N TYR B 67 9.94 11.87 -29.08
CA TYR B 67 10.04 10.51 -29.51
C TYR B 67 8.75 9.76 -29.28
N ASP B 68 8.40 8.87 -30.19
CA ASP B 68 7.22 8.05 -30.05
C ASP B 68 7.55 6.86 -29.16
N VAL B 69 6.60 6.47 -28.33
CA VAL B 69 6.77 5.30 -27.47
C VAL B 69 6.17 4.11 -28.25
N ASP B 70 6.91 3.01 -28.32
CA ASP B 70 6.53 1.74 -28.97
C ASP B 70 5.60 0.96 -28.04
N GLY B 71 5.85 1.02 -26.73
CA GLY B 71 5.05 0.38 -25.73
C GLY B 71 5.79 0.24 -24.41
N ILE B 72 5.11 -0.31 -23.43
CA ILE B 72 5.67 -0.59 -22.11
C ILE B 72 6.32 -1.97 -22.17
N VAL B 73 7.57 -2.09 -21.73
CA VAL B 73 8.29 -3.37 -21.79
C VAL B 73 8.31 -4.09 -20.39
N LYS B 74 8.17 -3.32 -19.31
CA LYS B 74 8.05 -3.85 -17.96
C LYS B 74 7.16 -2.91 -17.16
N TYR B 75 6.44 -3.47 -16.18
CA TYR B 75 5.65 -2.64 -15.28
C TYR B 75 5.37 -3.37 -13.98
N ASP B 76 5.08 -2.59 -12.94
CA ASP B 76 4.75 -3.13 -11.64
C ASP B 76 3.72 -2.20 -11.06
N LYS B 77 2.47 -2.65 -10.96
CA LYS B 77 1.39 -1.81 -10.45
C LYS B 77 1.55 -1.43 -8.98
N ALA B 78 1.95 -2.41 -8.12
CA ALA B 78 2.11 -2.13 -6.69
C ALA B 78 3.20 -1.07 -6.44
N LYS B 79 4.25 -1.05 -7.27
CA LYS B 79 5.32 -0.07 -7.13
C LYS B 79 5.15 1.17 -7.99
N ASP B 80 4.06 1.27 -8.75
CA ASP B 80 3.75 2.35 -9.70
C ASP B 80 4.96 2.61 -10.60
N LEU B 81 5.47 1.55 -11.18
CA LEU B 81 6.69 1.62 -11.97
C LEU B 81 6.47 1.15 -13.39
N ALA B 82 7.04 1.83 -14.39
CA ALA B 82 6.97 1.37 -15.80
C ALA B 82 8.27 1.65 -16.55
N LEU B 83 8.61 0.77 -17.50
CA LEU B 83 9.77 0.94 -18.38
C LEU B 83 9.22 1.03 -19.80
N LEU B 84 9.52 2.12 -20.49
CA LEU B 84 9.01 2.41 -21.82
C LEU B 84 10.07 2.18 -22.87
N LYS B 85 9.69 1.66 -24.03
CA LYS B 85 10.63 1.52 -25.14
C LYS B 85 10.19 2.48 -26.25
N THR B 86 11.10 3.29 -26.79
CA THR B 86 10.77 4.18 -27.91
C THR B 86 10.80 3.42 -29.24
N THR B 87 10.18 3.97 -30.31
CA THR B 87 10.16 3.30 -31.62
C THR B 87 11.56 3.29 -32.27
N VAL B 88 12.44 4.24 -31.89
CA VAL B 88 13.82 4.34 -32.34
C VAL B 88 14.74 4.55 -31.10
N GLU B 89 16.04 4.31 -31.29
CA GLU B 89 17.02 4.58 -30.25
C GLU B 89 17.25 6.09 -30.25
N THR B 90 17.27 6.68 -29.07
CA THR B 90 17.40 8.13 -28.92
C THR B 90 18.88 8.53 -28.63
N GLY B 91 19.15 9.84 -28.56
CA GLY B 91 20.46 10.35 -28.17
C GLY B 91 20.51 10.71 -26.69
N VAL B 92 19.53 10.26 -25.89
CA VAL B 92 19.50 10.58 -24.46
C VAL B 92 20.40 9.61 -23.69
N ASN B 93 21.36 10.13 -22.95
CA ASN B 93 22.31 9.30 -22.20
C ASN B 93 21.67 8.56 -21.05
N PRO B 94 21.87 7.25 -20.98
CA PRO B 94 21.30 6.48 -19.86
C PRO B 94 21.97 6.85 -18.54
N LEU B 95 21.20 6.82 -17.46
CA LEU B 95 21.70 7.14 -16.14
C LEU B 95 22.22 5.90 -15.43
N LYS B 96 23.26 6.07 -14.62
CA LYS B 96 23.80 4.99 -13.81
C LYS B 96 22.89 4.77 -12.62
N LEU B 97 22.51 3.54 -12.36
CA LEU B 97 21.64 3.20 -11.26
C LEU B 97 22.43 2.67 -10.06
N GLY B 98 22.05 3.15 -8.88
CA GLY B 98 22.60 2.72 -7.60
C GLY B 98 21.66 1.77 -6.89
N THR B 99 21.72 1.73 -5.56
CA THR B 99 20.91 0.80 -4.76
C THR B 99 20.43 1.39 -3.45
N LYS B 100 19.27 0.88 -2.97
CA LYS B 100 18.69 1.25 -1.67
C LYS B 100 19.66 0.86 -0.50
N LYS B 101 20.44 -0.23 -0.69
CA LYS B 101 21.37 -0.80 0.30
C LYS B 101 22.42 0.17 0.83
N SER B 102 22.71 1.23 0.08
CA SER B 102 23.68 2.23 0.51
C SER B 102 23.08 3.34 1.36
N LEU B 103 21.74 3.42 1.44
CA LEU B 103 21.04 4.47 2.17
C LEU B 103 20.95 4.30 3.67
N THR B 104 21.14 5.41 4.38
CA THR B 104 20.93 5.50 5.83
C THR B 104 19.92 6.63 6.05
N LYS B 105 19.22 6.64 7.20
CA LYS B 105 18.28 7.71 7.51
C LYS B 105 19.08 8.96 7.82
N GLY B 106 18.64 10.08 7.26
CA GLY B 106 19.35 11.33 7.41
C GLY B 106 20.27 11.63 6.24
N SER B 107 20.53 10.66 5.37
CA SER B 107 21.39 10.88 4.21
C SER B 107 20.67 11.72 3.16
N ARG B 108 21.44 12.59 2.48
CA ARG B 108 20.88 13.54 1.55
C ARG B 108 20.57 12.96 0.19
N ILE B 109 19.46 13.41 -0.41
CA ILE B 109 19.05 13.04 -1.75
C ILE B 109 18.73 14.28 -2.61
N VAL B 110 18.64 14.11 -3.94
CA VAL B 110 18.28 15.18 -4.85
C VAL B 110 17.36 14.58 -5.91
N ALA B 111 16.14 15.13 -6.10
CA ALA B 111 15.22 14.63 -7.12
C ALA B 111 15.14 15.61 -8.26
N ILE B 112 15.09 15.11 -9.50
CA ILE B 112 14.98 15.95 -10.69
C ILE B 112 13.71 15.59 -11.44
N GLY B 113 12.93 16.60 -11.73
CA GLY B 113 11.69 16.45 -12.47
C GLY B 113 11.66 17.36 -13.68
N LYS B 114 10.94 16.95 -14.70
CA LYS B 114 10.79 17.72 -15.93
C LYS B 114 9.70 18.77 -15.79
N ALA B 115 9.70 19.77 -16.69
CA ALA B 115 8.69 20.83 -16.74
C ALA B 115 8.17 20.95 -18.18
N ASN B 116 6.86 21.22 -18.36
CA ASN B 116 6.28 21.35 -19.70
C ASN B 116 6.69 22.69 -20.36
N ALA B 118 10.23 24.86 -19.87
CA ALA B 118 10.81 25.49 -18.67
C ALA B 118 11.99 24.66 -18.07
N LYS B 119 12.80 25.27 -17.18
CA LYS B 119 13.91 24.58 -16.56
C LYS B 119 13.45 23.42 -15.70
N ASN B 120 14.29 22.36 -15.59
CA ASN B 120 13.98 21.21 -14.73
C ASN B 120 13.78 21.66 -13.28
N THR B 121 13.00 20.88 -12.52
CA THR B 121 12.81 21.18 -11.11
C THR B 121 13.76 20.31 -10.31
N VAL B 122 14.53 20.93 -9.41
CA VAL B 122 15.48 20.20 -8.59
C VAL B 122 14.96 20.29 -7.16
N THR B 123 14.68 19.15 -6.53
CA THR B 123 14.19 19.15 -5.16
C THR B 123 15.24 18.49 -4.26
N LYS B 124 15.63 19.14 -3.17
CA LYS B 124 16.60 18.59 -2.24
C LYS B 124 15.89 18.08 -1.00
N GLY B 125 16.46 17.07 -0.38
CA GLY B 125 15.86 16.47 0.79
C GLY B 125 16.71 15.41 1.42
N SER B 126 16.11 14.64 2.32
CA SER B 126 16.83 13.60 3.01
C SER B 126 15.94 12.38 3.28
N ILE B 127 16.59 11.25 3.59
CA ILE B 127 15.88 10.01 3.91
C ILE B 127 15.31 10.07 5.34
N LYS B 128 13.98 9.89 5.48
CA LYS B 128 13.33 9.88 6.78
C LYS B 128 13.27 8.46 7.33
N SER B 129 12.94 7.49 6.45
CA SER B 129 12.81 6.11 6.89
C SER B 129 13.12 5.13 5.77
N LEU B 130 13.61 3.94 6.14
CA LEU B 130 13.93 2.91 5.15
C LEU B 130 12.77 1.98 4.84
N LYS B 131 11.58 2.30 5.34
CA LYS B 131 10.36 1.55 5.01
C LYS B 131 9.19 2.51 4.99
N VAL B 132 8.05 2.07 4.45
CA VAL B 132 6.81 2.84 4.44
C VAL B 132 5.73 1.82 4.79
N ASP B 133 5.00 1.98 5.89
CA ASP B 133 3.95 1.03 6.28
C ASP B 133 2.90 0.89 5.19
N GLY B 134 2.63 -0.34 4.76
CA GLY B 134 1.66 -0.61 3.71
C GLY B 134 2.28 -0.93 2.36
N LEU B 135 3.55 -0.52 2.17
CA LEU B 135 4.28 -0.80 0.92
C LEU B 135 5.37 -1.83 1.21
N THR B 136 5.50 -2.82 0.32
CA THR B 136 6.47 -3.91 0.46
C THR B 136 7.88 -3.42 0.61
N ASP B 137 8.26 -2.44 -0.19
CA ASP B 137 9.62 -1.92 -0.15
C ASP B 137 9.65 -0.52 -0.72
N ALA B 138 9.62 0.49 0.16
CA ALA B 138 9.66 1.89 -0.26
C ALA B 138 10.47 2.71 0.75
N ILE B 139 10.95 3.88 0.34
CA ILE B 139 11.75 4.74 1.19
C ILE B 139 10.96 6.00 1.47
N GLU B 140 10.94 6.46 2.74
CA GLU B 140 10.22 7.69 3.05
C GLU B 140 11.19 8.88 3.04
N LEU B 141 10.78 10.01 2.43
CA LEU B 141 11.57 11.24 2.42
C LEU B 141 11.02 12.23 3.47
N SER B 142 11.85 13.19 3.91
CA SER B 142 11.47 14.15 4.95
C SER B 142 10.52 15.25 4.46
N ALA B 143 10.46 15.47 3.14
CA ALA B 143 9.60 16.53 2.59
C ALA B 143 9.02 16.14 1.19
N SER B 144 8.05 16.91 0.69
CA SER B 144 7.38 16.59 -0.57
C SER B 144 8.10 16.96 -1.84
N ILE B 145 7.89 16.15 -2.84
CA ILE B 145 8.35 16.41 -4.19
C ILE B 145 7.05 16.70 -4.98
N SER B 146 7.03 17.75 -5.80
CA SER B 146 5.84 18.12 -6.58
C SER B 146 5.33 17.03 -7.52
N LYS B 147 4.02 17.04 -7.77
CA LYS B 147 3.30 16.12 -8.67
C LYS B 147 3.94 16.03 -10.08
N GLU B 148 4.38 17.17 -10.63
CA GLU B 148 4.97 17.22 -11.97
C GLU B 148 6.30 16.47 -12.09
N SER B 149 7.03 16.34 -10.97
CA SER B 149 8.30 15.60 -10.92
C SER B 149 8.14 14.09 -10.75
N THR B 150 6.89 13.60 -10.59
CA THR B 150 6.67 12.17 -10.40
C THR B 150 7.18 11.37 -11.60
N GLY B 151 7.80 10.23 -11.32
CA GLY B 151 8.38 9.40 -12.38
C GLY B 151 9.85 9.68 -12.63
N GLY B 152 10.34 10.79 -12.08
CA GLY B 152 11.72 11.23 -12.22
C GLY B 152 12.66 10.54 -11.25
N PRO B 153 13.97 10.69 -11.48
CA PRO B 153 14.95 10.01 -10.61
C PRO B 153 15.28 10.76 -9.31
N VAL B 154 15.66 9.97 -8.30
CA VAL B 154 16.10 10.46 -6.98
C VAL B 154 17.54 10.00 -6.88
N PHE B 155 18.48 10.91 -6.70
CA PHE B 155 19.90 10.63 -6.63
C PHE B 155 20.47 10.73 -5.23
N ASP B 156 21.55 9.98 -4.97
CA ASP B 156 22.26 10.08 -3.72
C ASP B 156 23.40 11.13 -3.89
N MET B 157 24.23 11.39 -2.85
CA MET B 157 25.30 12.39 -3.00
C MET B 157 26.47 11.92 -3.90
N LYS B 158 26.40 10.69 -4.41
CA LYS B 158 27.39 10.18 -5.35
C LYS B 158 26.94 10.35 -6.82
N GLY B 159 25.69 10.78 -7.05
CA GLY B 159 25.19 10.98 -8.41
C GLY B 159 24.53 9.75 -9.01
N ASN B 160 24.27 8.72 -8.19
CA ASN B 160 23.62 7.50 -8.68
C ASN B 160 22.12 7.55 -8.40
N VAL B 161 21.32 6.97 -9.30
CA VAL B 161 19.89 6.91 -9.11
C VAL B 161 19.61 5.89 -8.01
N VAL B 162 19.06 6.31 -6.89
CA VAL B 162 18.70 5.38 -5.82
C VAL B 162 17.19 5.18 -5.68
N GLY B 163 16.39 6.04 -6.31
CA GLY B 163 14.95 5.92 -6.24
C GLY B 163 14.22 6.56 -7.40
N ILE B 164 12.90 6.37 -7.41
CA ILE B 164 12.00 6.94 -8.42
C ILE B 164 10.87 7.58 -7.65
N THR B 165 10.60 8.85 -7.91
CA THR B 165 9.53 9.59 -7.27
C THR B 165 8.17 8.98 -7.64
N ALA B 166 7.27 8.83 -6.65
CA ALA B 166 5.97 8.24 -6.88
C ALA B 166 4.88 9.02 -6.12
N TYR B 167 4.37 10.10 -6.72
CA TYR B 167 3.32 10.92 -6.11
C TYR B 167 2.07 10.08 -5.80
N GLY B 168 1.56 10.19 -4.58
CA GLY B 168 0.34 9.52 -4.16
C GLY B 168 0.41 8.01 -4.06
N ILE B 169 1.63 7.44 -3.94
CA ILE B 169 1.75 5.99 -3.85
C ILE B 169 1.36 5.42 -2.48
N SER B 170 1.45 6.22 -1.44
CA SER B 170 1.13 5.78 -0.08
C SER B 170 -0.10 6.60 0.43
N LYS B 171 -0.16 6.93 1.72
CA LYS B 171 -1.26 7.72 2.26
C LYS B 171 -1.02 9.20 1.95
N GLN B 172 -2.07 10.02 2.10
CA GLN B 172 -2.00 11.46 1.88
C GLN B 172 -0.91 12.12 2.73
N ASN B 173 -0.11 13.01 2.12
CA ASN B 173 1.00 13.71 2.76
C ASN B 173 2.21 12.82 3.07
N VAL B 174 2.20 11.54 2.61
CA VAL B 174 3.34 10.65 2.78
C VAL B 174 4.19 10.68 1.51
N ASN B 175 5.46 11.05 1.66
CA ASN B 175 6.38 11.16 0.54
C ASN B 175 7.27 9.94 0.42
N ALA B 176 6.82 8.96 -0.36
CA ALA B 176 7.47 7.69 -0.54
C ALA B 176 8.10 7.56 -1.93
N VAL B 177 9.27 6.96 -2.02
CA VAL B 177 9.92 6.72 -3.30
C VAL B 177 10.22 5.21 -3.44
N ILE B 178 10.25 4.73 -4.68
CA ILE B 178 10.51 3.34 -4.96
C ILE B 178 11.99 3.14 -5.21
N PRO B 179 12.61 2.12 -4.59
CA PRO B 179 14.05 1.88 -4.82
C PRO B 179 14.41 1.60 -6.27
N ALA B 180 15.54 2.16 -6.74
CA ALA B 180 16.03 1.96 -8.13
C ALA B 180 16.42 0.52 -8.42
N ASP B 181 16.62 -0.33 -7.37
CA ASP B 181 16.98 -1.74 -7.52
C ASP B 181 16.00 -2.47 -8.45
N TYR B 182 14.71 -2.11 -8.40
CA TYR B 182 13.69 -2.74 -9.26
C TYR B 182 13.88 -2.41 -10.74
N VAL B 183 14.28 -1.18 -11.03
CA VAL B 183 14.57 -0.75 -12.40
C VAL B 183 15.90 -1.35 -12.84
N ALA B 184 16.91 -1.44 -11.91
CA ALA B 184 18.19 -2.07 -12.23
C ALA B 184 18.01 -3.55 -12.61
N ASP B 185 17.09 -4.26 -11.92
CA ASP B 185 16.82 -5.67 -12.26
C ASP B 185 16.26 -5.80 -13.71
N TRP B 186 15.36 -4.90 -14.10
CA TRP B 186 14.77 -4.89 -15.43
C TRP B 186 15.85 -4.60 -16.48
N VAL B 187 16.71 -3.59 -16.21
CA VAL B 187 17.77 -3.22 -17.13
C VAL B 187 18.80 -4.37 -17.29
N LYS B 188 19.10 -5.08 -16.21
CA LYS B 188 19.99 -6.24 -16.25
C LYS B 188 19.35 -7.36 -17.09
N GLU B 189 18.05 -7.58 -16.88
CA GLU B 189 17.28 -8.61 -17.58
C GLU B 189 17.22 -8.38 -19.11
N LEU B 190 17.22 -7.11 -19.53
CA LEU B 190 17.14 -6.73 -20.94
C LEU B 190 18.49 -6.39 -21.59
N SER B 191 19.57 -6.42 -20.80
CA SER B 191 20.90 -6.03 -21.19
C SER B 191 21.54 -6.85 -22.29
N LYS B 192 21.09 -8.10 -22.58
CA LYS B 192 21.69 -8.87 -23.67
C LYS B 192 20.93 -8.80 -25.00
N HIS B 193 19.80 -8.09 -25.04
CA HIS B 193 18.95 -8.03 -26.22
C HIS B 193 19.34 -7.00 -27.22
N SER B 194 19.04 -7.31 -28.48
CA SER B 194 19.10 -6.35 -29.58
C SER B 194 17.88 -5.43 -29.34
N PHE B 195 18.00 -4.14 -29.66
CA PHE B 195 16.91 -3.19 -29.43
C PHE B 195 15.60 -3.63 -30.07
N GLY B 196 15.68 -4.26 -31.23
CA GLY B 196 14.53 -4.83 -31.93
C GLY B 196 13.91 -6.05 -31.29
N ASN B 197 14.66 -6.78 -30.46
CA ASN B 197 14.17 -7.98 -29.78
C ASN B 197 13.62 -7.74 -28.38
N ILE B 198 13.57 -6.47 -27.91
CA ILE B 198 13.00 -6.18 -26.59
C ILE B 198 11.51 -6.26 -26.75
N ARG B 199 10.91 -7.23 -26.09
CA ARG B 199 9.49 -7.54 -26.19
C ARG B 199 8.59 -6.52 -25.48
N ILE B 200 7.54 -6.07 -26.19
CA ILE B 200 6.55 -5.16 -25.59
C ILE B 200 5.60 -5.97 -24.74
N VAL B 201 5.18 -5.41 -23.60
CA VAL B 201 4.25 -6.08 -22.71
C VAL B 201 2.88 -5.36 -22.71
N ARG B 202 2.87 -4.02 -22.83
CA ARG B 202 1.60 -3.26 -22.98
C ARG B 202 1.80 -2.26 -24.11
N LYS B 203 1.27 -2.59 -25.27
CA LYS B 203 1.40 -1.84 -26.53
C LYS B 203 0.69 -0.49 -26.53
N THR B 204 1.37 0.53 -27.00
CA THR B 204 0.80 1.85 -27.18
C THR B 204 0.83 2.12 -28.72
N LEU B 205 -0.09 2.96 -29.21
CA LEU B 205 -0.16 3.23 -30.64
C LEU B 205 0.51 4.54 -31.02
N VAL B 206 0.61 4.82 -32.34
CA VAL B 206 1.06 6.11 -32.84
C VAL B 206 -0.03 6.63 -33.78
N PHE B 207 -0.16 7.96 -33.91
CA PHE B 207 -1.16 8.53 -34.79
C PHE B 207 -0.67 8.53 -36.24
N ASP B 208 -0.60 7.36 -36.86
CA ASP B 208 -0.17 7.20 -38.25
C ASP B 208 -1.37 6.78 -39.15
N SER B 209 -1.15 6.45 -40.44
CA SER B 209 -2.25 6.05 -41.34
C SER B 209 -2.91 4.70 -40.96
N ASP B 210 -2.31 3.94 -40.05
CA ASP B 210 -2.89 2.67 -39.57
C ASP B 210 -3.70 2.85 -38.28
N PHE B 211 -3.63 4.03 -37.64
CA PHE B 211 -4.32 4.25 -36.36
C PHE B 211 -5.80 3.84 -36.34
N GLU B 212 -6.62 4.25 -37.34
CA GLU B 212 -8.06 3.93 -37.30
C GLU B 212 -8.34 2.41 -37.22
N PHE B 213 -7.47 1.59 -37.79
CA PHE B 213 -7.65 0.13 -37.76
C PHE B 213 -7.10 -0.49 -36.47
N ASN B 214 -5.86 -0.14 -36.10
CA ASN B 214 -5.26 -0.66 -34.87
C ASN B 214 -6.06 -0.28 -33.64
N PHE B 215 -6.67 0.92 -33.65
CA PHE B 215 -7.45 1.38 -32.51
C PHE B 215 -8.69 0.53 -32.25
N VAL B 216 -9.31 -0.06 -33.27
CA VAL B 216 -10.51 -0.91 -33.06
C VAL B 216 -10.11 -2.12 -32.19
N VAL B 217 -8.97 -2.74 -32.52
CA VAL B 217 -8.45 -3.89 -31.81
C VAL B 217 -7.98 -3.51 -30.42
N TYR B 218 -7.32 -2.37 -30.29
CA TYR B 218 -6.89 -1.85 -28.99
C TYR B 218 -8.11 -1.62 -28.08
N LYS B 219 -9.17 -1.02 -28.64
CA LYS B 219 -10.40 -0.68 -27.90
C LYS B 219 -11.15 -1.92 -27.44
N ILE B 220 -11.25 -2.95 -28.32
CA ILE B 220 -11.97 -4.17 -27.94
C ILE B 220 -11.21 -5.00 -26.83
N ILE B 221 -9.87 -5.07 -26.88
CA ILE B 221 -9.08 -5.77 -25.84
C ILE B 221 -9.18 -4.95 -24.54
N ARG B 222 -9.03 -3.63 -24.64
N ARG B 222 -9.05 -3.63 -24.66
CA ARG B 222 -9.18 -2.74 -23.49
CA ARG B 222 -9.20 -2.74 -23.52
C ARG B 222 -10.58 -2.88 -22.87
C ARG B 222 -10.58 -2.88 -22.87
N ALA B 223 -11.62 -3.12 -23.69
CA ALA B 223 -12.99 -3.32 -23.16
C ALA B 223 -13.07 -4.57 -22.28
N LEU B 224 -12.41 -5.68 -22.68
CA LEU B 224 -12.34 -6.91 -21.88
C LEU B 224 -11.60 -6.65 -20.55
N GLU B 225 -10.51 -5.88 -20.62
CA GLU B 225 -9.72 -5.52 -19.43
C GLU B 225 -10.54 -4.66 -18.45
N ASN B 226 -11.34 -3.72 -18.98
CA ASN B 226 -12.21 -2.82 -18.19
C ASN B 226 -13.56 -3.45 -17.85
N GLU B 227 -13.78 -4.75 -18.17
CA GLU B 227 -15.05 -5.44 -17.83
C GLU B 227 -16.24 -4.69 -18.43
N ASP B 228 -16.09 -4.24 -19.69
CA ASP B 228 -17.07 -3.44 -20.38
C ASP B 228 -17.58 -4.15 -21.61
N ALA B 229 -18.64 -4.96 -21.45
CA ALA B 229 -19.22 -5.73 -22.55
C ALA B 229 -19.92 -4.83 -23.59
N ALA B 230 -20.50 -3.69 -23.17
CA ALA B 230 -21.16 -2.79 -24.11
C ALA B 230 -20.17 -2.26 -25.15
N THR B 231 -18.98 -1.81 -24.72
CA THR B 231 -17.94 -1.36 -25.66
C THR B 231 -17.34 -2.54 -26.45
N TYR B 232 -17.21 -3.69 -25.79
CA TYR B 232 -16.71 -4.91 -26.47
C TYR B 232 -17.61 -5.29 -27.68
N PHE B 233 -18.93 -5.40 -27.46
CA PHE B 233 -19.86 -5.73 -28.55
C PHE B 233 -20.03 -4.58 -29.57
N GLY B 234 -19.81 -3.34 -29.12
CA GLY B 234 -19.92 -2.19 -30.00
C GLY B 234 -18.81 -2.05 -31.02
N CYS B 235 -17.69 -2.70 -30.78
CA CYS B 235 -16.52 -2.74 -31.68
C CYS B 235 -16.69 -3.73 -32.83
N MET B 236 -17.71 -4.63 -32.74
CA MET B 236 -17.98 -5.67 -33.73
C MET B 236 -19.33 -5.44 -34.41
N THR B 237 -19.57 -6.16 -35.52
CA THR B 237 -20.87 -6.13 -36.20
C THR B 237 -21.93 -6.77 -35.30
N ASP B 238 -23.21 -6.46 -35.53
CA ASP B 238 -24.31 -7.03 -34.76
C ASP B 238 -24.36 -8.55 -34.85
N GLU B 239 -24.02 -9.09 -36.01
CA GLU B 239 -23.97 -10.50 -36.34
C GLU B 239 -22.99 -11.26 -35.44
N LEU B 240 -21.88 -10.60 -35.01
CA LEU B 240 -20.91 -11.26 -34.15
C LEU B 240 -21.34 -11.41 -32.70
N TYR B 241 -22.37 -10.66 -32.26
CA TYR B 241 -22.85 -10.78 -30.88
C TYR B 241 -23.44 -12.18 -30.68
N LYS B 242 -23.12 -12.83 -29.55
CA LYS B 242 -23.73 -14.11 -29.21
C LYS B 242 -24.07 -14.08 -27.71
N ASP B 243 -25.21 -14.64 -27.35
CA ASP B 243 -25.64 -14.71 -25.95
C ASP B 243 -24.61 -15.51 -25.11
N GLU B 244 -24.03 -16.57 -25.70
CA GLU B 244 -23.02 -17.40 -25.05
C GLU B 244 -21.80 -16.57 -24.68
N THR B 245 -21.35 -15.69 -25.59
CA THR B 245 -20.20 -14.82 -25.32
C THR B 245 -20.54 -13.88 -24.15
N ARG B 246 -21.72 -13.27 -24.17
CA ARG B 246 -22.16 -12.35 -23.13
C ARG B 246 -22.14 -13.03 -21.76
N LYS B 247 -22.68 -14.26 -21.70
CA LYS B 247 -22.71 -15.03 -20.47
C LYS B 247 -21.31 -15.35 -20.00
N ASN B 248 -20.40 -15.76 -20.91
CA ASN B 248 -19.01 -16.08 -20.56
C ASN B 248 -18.33 -14.83 -19.99
N LEU B 249 -18.59 -13.67 -20.59
CA LEU B 249 -17.99 -12.42 -20.11
C LEU B 249 -18.45 -12.09 -18.70
N GLU B 250 -19.74 -12.29 -18.38
CA GLU B 250 -20.27 -12.01 -17.04
C GLU B 250 -19.51 -12.82 -15.97
N VAL B 251 -19.27 -14.11 -16.24
CA VAL B 251 -18.58 -15.02 -15.33
C VAL B 251 -17.12 -14.60 -15.15
N LEU B 252 -16.46 -14.24 -16.25
CA LEU B 252 -15.06 -13.82 -16.25
C LEU B 252 -14.85 -12.52 -15.46
N PHE B 253 -15.72 -11.54 -15.68
CA PHE B 253 -15.64 -10.22 -15.06
C PHE B 253 -15.91 -10.29 -13.55
N THR B 254 -16.82 -11.18 -13.11
CA THR B 254 -17.15 -11.27 -11.69
C THR B 254 -16.20 -12.20 -10.94
N THR B 255 -15.59 -13.19 -11.60
CA THR B 255 -14.78 -14.19 -10.92
C THR B 255 -13.33 -13.76 -10.72
N TYR B 256 -12.77 -13.03 -11.70
CA TYR B 256 -11.35 -12.70 -11.67
C TYR B 256 -11.08 -11.22 -11.86
N ASP B 257 -9.83 -10.81 -11.52
CA ASP B 257 -9.26 -9.50 -11.85
C ASP B 257 -8.18 -9.91 -12.85
N LEU B 258 -8.28 -9.47 -14.10
CA LEU B 258 -7.36 -9.89 -15.15
C LEU B 258 -6.65 -8.74 -15.82
N ALA B 259 -5.37 -8.91 -16.15
CA ALA B 259 -4.61 -7.92 -16.93
C ALA B 259 -4.45 -8.45 -18.36
N TYR B 260 -4.73 -7.60 -19.36
CA TYR B 260 -4.60 -7.99 -20.76
C TYR B 260 -3.40 -7.21 -21.28
N ASN B 261 -2.27 -7.87 -21.29
CA ASN B 261 -1.01 -7.28 -21.70
C ASN B 261 -0.80 -7.46 -23.21
N ILE B 262 -1.07 -6.39 -23.95
CA ILE B 262 -0.96 -6.41 -25.41
C ILE B 262 0.48 -6.32 -25.89
N GLU B 263 0.93 -7.33 -26.61
CA GLU B 263 2.30 -7.35 -27.12
C GLU B 263 2.35 -6.62 -28.46
N SER B 264 1.37 -6.86 -29.33
CA SER B 264 1.39 -6.21 -30.64
C SER B 264 0.03 -6.00 -31.26
N ILE B 265 -0.10 -4.96 -32.10
CA ILE B 265 -1.27 -4.65 -32.90
C ILE B 265 -0.73 -4.09 -34.21
N ASN B 266 -0.98 -4.78 -35.33
CA ASN B 266 -0.44 -4.37 -36.62
C ASN B 266 -1.42 -4.56 -37.72
N VAL B 267 -1.49 -3.61 -38.66
CA VAL B 267 -2.31 -3.80 -39.86
C VAL B 267 -1.61 -4.79 -40.79
N VAL B 268 -2.31 -5.85 -41.18
CA VAL B 268 -1.82 -6.84 -42.11
C VAL B 268 -2.12 -6.36 -43.54
N SER B 269 -3.37 -5.94 -43.79
CA SER B 269 -3.76 -5.43 -45.09
C SER B 269 -4.90 -4.41 -44.96
N LYS B 270 -5.08 -3.57 -45.99
CA LYS B 270 -6.17 -2.59 -45.94
C LYS B 270 -6.61 -2.19 -47.33
N SER B 271 -7.89 -2.00 -47.46
CA SER B 271 -8.55 -1.52 -48.66
C SER B 271 -9.56 -0.44 -48.23
N GLU B 272 -10.31 0.13 -49.20
CA GLU B 272 -11.26 1.20 -48.94
C GLU B 272 -12.29 0.82 -47.86
N GLU B 273 -12.86 -0.40 -47.93
CA GLU B 273 -13.88 -0.81 -46.98
C GLU B 273 -13.58 -2.07 -46.22
N GLN B 274 -12.35 -2.63 -46.33
CA GLN B 274 -11.99 -3.83 -45.59
C GLN B 274 -10.55 -3.75 -45.10
N ALA B 275 -10.25 -4.37 -43.95
CA ALA B 275 -8.89 -4.42 -43.44
C ALA B 275 -8.68 -5.67 -42.56
N LYS B 276 -7.42 -6.07 -42.36
CA LYS B 276 -7.05 -7.21 -41.53
C LYS B 276 -6.03 -6.71 -40.54
N VAL B 277 -6.23 -7.00 -39.24
CA VAL B 277 -5.32 -6.54 -38.21
C VAL B 277 -4.90 -7.73 -37.35
N SER B 278 -3.60 -7.91 -37.19
CA SER B 278 -3.10 -8.98 -36.34
C SER B 278 -2.82 -8.44 -34.94
N TYR B 279 -2.87 -9.33 -33.96
CA TYR B 279 -2.64 -8.92 -32.58
C TYR B 279 -2.14 -10.09 -31.76
N VAL B 280 -1.43 -9.76 -30.71
CA VAL B 280 -0.92 -10.73 -29.74
C VAL B 280 -1.10 -10.11 -28.36
N TYR B 281 -1.68 -10.87 -27.43
CA TYR B 281 -1.80 -10.41 -26.06
C TYR B 281 -1.80 -11.58 -25.10
N THR B 282 -1.50 -11.32 -23.82
CA THR B 282 -1.47 -12.35 -22.79
C THR B 282 -2.50 -11.98 -21.72
N ILE B 283 -3.22 -12.97 -21.19
CA ILE B 283 -4.16 -12.72 -20.10
C ILE B 283 -3.52 -13.24 -18.83
N ASN B 284 -3.29 -12.34 -17.84
CA ASN B 284 -2.63 -12.68 -16.57
C ASN B 284 -3.59 -12.44 -15.40
N LYS B 285 -3.78 -13.46 -14.54
CA LYS B 285 -4.66 -13.32 -13.39
C LYS B 285 -3.98 -12.57 -12.26
N GLU B 286 -4.62 -11.49 -11.80
CA GLU B 286 -4.13 -10.68 -10.69
C GLU B 286 -4.79 -11.12 -9.38
N ALA B 287 -6.07 -11.54 -9.42
CA ALA B 287 -6.76 -12.01 -8.20
C ALA B 287 -7.95 -12.92 -8.60
N GLY B 288 -8.36 -13.76 -7.68
CA GLY B 288 -9.45 -14.70 -7.91
C GLY B 288 -8.98 -16.14 -7.82
N PRO B 289 -9.86 -17.11 -8.11
CA PRO B 289 -9.46 -18.52 -8.01
C PRO B 289 -8.49 -18.94 -9.13
N ASN B 290 -8.17 -20.24 -9.23
CA ASN B 290 -7.22 -20.74 -10.23
C ASN B 290 -7.55 -20.32 -11.65
N PHE B 291 -6.53 -19.88 -12.36
CA PHE B 291 -6.63 -19.45 -13.75
C PHE B 291 -5.26 -19.75 -14.36
N LYS B 292 -5.23 -20.34 -15.56
CA LYS B 292 -3.95 -20.59 -16.22
C LYS B 292 -3.74 -19.43 -17.16
N ASN B 293 -2.72 -18.59 -16.88
CA ASN B 293 -2.41 -17.45 -17.74
C ASN B 293 -2.06 -17.96 -19.14
N TYR B 294 -2.47 -17.24 -20.21
CA TYR B 294 -2.20 -17.72 -21.55
C TYR B 294 -2.06 -16.61 -22.57
N ARG B 295 -1.46 -16.94 -23.70
CA ARG B 295 -1.20 -16.02 -24.81
C ARG B 295 -2.17 -16.28 -25.94
N ILE B 296 -2.64 -15.21 -26.55
CA ILE B 296 -3.55 -15.28 -27.70
C ILE B 296 -2.82 -14.67 -28.86
N ILE B 297 -2.81 -15.39 -30.00
CA ILE B 297 -2.24 -14.89 -31.24
C ILE B 297 -3.41 -14.88 -32.19
N GLY B 298 -3.78 -13.70 -32.64
CA GLY B 298 -4.94 -13.59 -33.50
C GLY B 298 -4.86 -12.66 -34.69
N GLU B 299 -5.92 -12.69 -35.46
CA GLU B 299 -6.08 -11.81 -36.60
C GLU B 299 -7.57 -11.59 -36.76
N CYS B 300 -7.97 -10.35 -37.01
CA CYS B 300 -9.36 -10.06 -37.21
C CYS B 300 -9.58 -9.29 -38.53
N SER B 301 -10.78 -9.44 -39.08
CA SER B 301 -11.18 -8.74 -40.26
C SER B 301 -12.05 -7.54 -39.80
N LEU B 302 -11.86 -6.42 -40.45
CA LEU B 302 -12.63 -5.20 -40.17
C LEU B 302 -13.32 -4.77 -41.45
N ILE B 303 -14.58 -4.28 -41.33
CA ILE B 303 -15.30 -3.72 -42.45
C ILE B 303 -15.88 -2.34 -42.09
N LYS B 304 -15.96 -1.44 -43.08
CA LYS B 304 -16.48 -0.13 -42.85
C LYS B 304 -18.01 -0.26 -43.00
N VAL B 305 -18.74 -0.09 -41.90
CA VAL B 305 -20.20 -0.21 -41.84
C VAL B 305 -20.80 1.16 -41.62
N ASP B 306 -21.44 1.75 -42.64
CA ASP B 306 -22.09 3.07 -42.51
C ASP B 306 -21.13 4.13 -41.99
N GLY B 307 -19.88 4.09 -42.46
CA GLY B 307 -18.83 5.03 -42.08
C GLY B 307 -17.96 4.63 -40.91
N THR B 308 -18.34 3.58 -40.17
CA THR B 308 -17.56 3.14 -39.01
C THR B 308 -16.89 1.77 -39.17
N TRP B 309 -15.62 1.67 -38.81
CA TRP B 309 -14.88 0.40 -38.86
C TRP B 309 -15.28 -0.49 -37.68
N LYS B 310 -15.71 -1.72 -37.98
CA LYS B 310 -16.12 -2.69 -36.96
C LYS B 310 -15.50 -4.04 -37.33
N ILE B 311 -15.26 -4.89 -36.35
CA ILE B 311 -14.73 -6.23 -36.56
C ILE B 311 -15.87 -7.14 -37.00
N ASN B 312 -15.72 -7.85 -38.13
CA ASN B 312 -16.76 -8.76 -38.60
C ASN B 312 -16.35 -10.23 -38.56
N ASP B 313 -15.11 -10.54 -38.15
CA ASP B 313 -14.60 -11.90 -38.04
C ASP B 313 -13.28 -11.85 -37.30
N SER B 314 -12.90 -12.98 -36.68
CA SER B 314 -11.62 -13.11 -35.99
C SER B 314 -11.21 -14.58 -35.94
N GLU B 315 -9.92 -14.82 -35.80
CA GLU B 315 -9.38 -16.16 -35.72
C GLU B 315 -8.23 -16.12 -34.74
N GLU B 316 -8.30 -16.91 -33.65
CA GLU B 316 -7.27 -16.93 -32.61
C GLU B 316 -6.76 -18.29 -32.26
N LYS B 317 -5.49 -18.36 -31.89
CA LYS B 317 -4.90 -19.59 -31.35
C LYS B 317 -4.05 -19.26 -30.10
C1 GOL C . 16.62 2.70 30.79
O1 GOL C . 16.49 2.16 32.10
C2 GOL C . 16.44 1.62 29.75
O2 GOL C . 16.85 2.08 28.46
C3 GOL C . 15.00 1.14 29.70
O3 GOL C . 14.91 -0.01 28.87
C1 GOL D . 2.30 0.44 23.68
O1 GOL D . 2.73 -0.86 24.06
C2 GOL D . 0.81 0.47 23.43
O2 GOL D . 0.35 1.82 23.45
C3 GOL D . 0.43 -0.20 22.13
O3 GOL D . 0.97 0.49 21.00
C1 GOL E . 10.29 3.81 13.43
O1 GOL E . 10.43 3.73 12.02
C2 GOL E . 8.90 3.36 13.81
O2 GOL E . 8.56 2.18 13.08
C3 GOL E . 8.87 3.08 15.29
O3 GOL E . 7.57 2.69 15.71
C1 GOL F . -12.57 3.67 -5.16
O1 GOL F . -11.89 2.69 -4.40
C2 GOL F . -13.92 3.11 -5.57
O2 GOL F . -14.67 2.80 -4.39
C3 GOL F . -14.68 4.09 -6.43
O3 GOL F . -15.78 3.43 -7.07
C1 GOL G . 5.12 -8.93 16.74
O1 GOL G . 5.37 -7.99 15.69
C2 GOL G . 3.96 -9.83 16.39
O2 GOL G . 3.66 -10.68 17.52
C3 GOL G . 2.74 -9.03 16.04
O3 GOL G . 1.61 -9.88 15.89
C1 GOL H . -12.91 2.51 4.98
O1 GOL H . -12.78 3.81 4.41
C2 GOL H . -12.71 1.44 3.92
O2 GOL H . -12.56 0.15 4.54
C3 GOL H . -13.88 1.42 2.97
O3 GOL H . -14.13 2.73 2.47
C1 GOL I . -10.52 -10.31 -29.45
O1 GOL I . -9.60 -11.08 -28.69
C2 GOL I . -11.84 -11.03 -29.56
O2 GOL I . -12.37 -11.28 -28.23
C3 GOL I . -12.86 -10.27 -30.38
O3 GOL I . -12.71 -10.52 -31.77
C1 GOL J . -2.63 -0.51 -23.18
O1 GOL J . -1.60 -1.31 -23.77
C2 GOL J . -2.17 0.84 -22.67
O2 GOL J . -2.12 1.82 -23.68
C3 GOL J . -0.89 0.87 -21.86
O3 GOL J . -1.22 0.44 -20.55
C1 GOL K . -7.83 -4.66 -15.01
O1 GOL K . -7.10 -3.46 -15.22
C2 GOL K . -7.76 -5.18 -13.58
O2 GOL K . -6.66 -4.56 -12.85
C3 GOL K . -9.07 -4.98 -12.87
O3 GOL K . -9.03 -5.49 -11.56
C1 GOL L . 5.56 12.61 5.83
O1 GOL L . 5.26 12.14 7.14
C2 GOL L . 7.00 13.04 5.71
O2 GOL L . 7.26 13.53 4.39
C3 GOL L . 7.30 14.12 6.72
O3 GOL L . 6.52 15.28 6.47
C1 GOL M . 5.55 -7.33 -15.98
O1 GOL M . 6.65 -6.42 -16.07
C2 GOL M . 5.36 -8.10 -17.27
O2 GOL M . 6.63 -8.48 -17.79
C3 GOL M . 4.52 -9.32 -17.03
O3 GOL M . 3.24 -8.96 -16.49
C1 GOL N . -7.74 -19.75 -18.49
O1 GOL N . -6.61 -20.49 -18.93
C2 GOL N . -8.63 -20.59 -17.60
O2 GOL N . -7.85 -21.22 -16.58
C3 GOL N . -9.39 -21.62 -18.40
O3 GOL N . -10.03 -21.02 -19.52
C1 GOL O . 25.20 -6.72 -18.41
O1 GOL O . 25.45 -6.35 -19.76
C2 GOL O . 25.45 -8.19 -18.17
O2 GOL O . 24.36 -8.96 -18.69
C3 GOL O . 26.73 -8.62 -18.85
O3 GOL O . 27.10 -9.94 -18.43
#